data_7JMT
#
_entry.id   7JMT
#
_cell.length_a   100.021
_cell.length_b   67.789
_cell.length_c   100.907
_cell.angle_alpha   90.000
_cell.angle_beta   118.793
_cell.angle_gamma   90.000
#
_symmetry.space_group_name_H-M   'P 1 21 1'
#
loop_
_entity.id
_entity.type
_entity.pdbx_description
1 polymer 'BCL-2 protein'
2 non-polymer "4-{4-[(4'-CHLOROBIPHENYL-2-YL)METHYL]PIPERAZIN-1-YL}-N-{[4-({(1R)-3-(DIMETHYLAMINO)-1-[(PHENYLTHIO)METHYL]PROPYL}AMINO)-3-NITROPHENYL]SULFONYL}BENZAMIDE"
3 water water
#
_entity_poly.entity_id   1
_entity_poly.type   'polypeptide(L)'
_entity_poly.pdbx_seq_one_letter_code
;MSNTADFRLQTSTLCHSFLLASANKQDTDYLTDLLDNTNIDLTCVPNGQEIIHSLLQLVGDFNQRFSQTHEIEPVAQSLG
IDSDKPVDKTALEIFYLEILNGLFEKLNWGRIVAMFAFLRILVLRLSKHGHSDAIQMLIKTTSQYSDEKLKNWINLHDGW
SGLIEFSGRQFVNDGQELIWKTLRNVGGLATGAVGALGLAALVGYIANKI
;
_entity_poly.pdbx_strand_id   A,B,C,D,E,F
#
# COMPACT_ATOMS: atom_id res chain seq x y z
N THR A 4 4.40 -47.98 13.25
CA THR A 4 3.80 -46.68 12.85
C THR A 4 4.22 -46.36 11.43
N ALA A 5 3.61 -45.35 10.82
CA ALA A 5 3.85 -44.96 9.42
C ALA A 5 4.14 -43.47 9.35
N ASP A 6 4.70 -43.00 8.25
CA ASP A 6 5.00 -41.57 8.04
C ASP A 6 3.66 -40.87 7.95
N PHE A 7 3.63 -39.56 8.17
CA PHE A 7 2.38 -38.77 8.19
C PHE A 7 1.69 -38.86 6.84
N ARG A 8 2.44 -38.81 5.74
CA ARG A 8 1.83 -38.81 4.40
C ARG A 8 1.08 -40.12 4.23
N LEU A 9 1.68 -41.25 4.62
CA LEU A 9 1.04 -42.58 4.52
C LEU A 9 -0.11 -42.66 5.50
N GLN A 10 0.02 -42.12 6.69
CA GLN A 10 -1.08 -42.11 7.69
C GLN A 10 -2.24 -41.30 7.13
N THR A 11 -2.01 -40.21 6.39
CA THR A 11 -3.06 -39.30 5.87
C THR A 11 -3.76 -39.96 4.69
N SER A 12 -3.05 -40.69 3.83
CA SER A 12 -3.64 -41.42 2.70
C SER A 12 -4.47 -42.59 3.22
N THR A 13 -3.94 -43.34 4.16
CA THR A 13 -4.64 -44.46 4.80
C THR A 13 -5.93 -43.96 5.43
N LEU A 14 -5.92 -42.81 6.09
CA LEU A 14 -7.10 -42.24 6.79
C LEU A 14 -8.03 -41.65 5.75
N CYS A 15 -7.56 -41.23 4.58
CA CYS A 15 -8.40 -40.56 3.56
C CYS A 15 -9.18 -41.66 2.88
N HIS A 16 -8.56 -42.81 2.61
CA HIS A 16 -9.19 -43.97 1.93
C HIS A 16 -10.26 -44.61 2.80
N SER A 17 -10.03 -44.81 4.09
CA SER A 17 -11.00 -45.42 5.05
C SER A 17 -12.20 -44.52 5.34
N PHE A 18 -12.04 -43.21 5.38
CA PHE A 18 -13.14 -42.25 5.64
C PHE A 18 -14.02 -42.15 4.40
N LEU A 19 -13.42 -42.23 3.21
CA LEU A 19 -14.16 -42.14 1.94
C LEU A 19 -14.97 -43.41 1.72
N LEU A 20 -14.39 -44.57 1.99
CA LEU A 20 -15.09 -45.87 1.83
C LEU A 20 -16.20 -45.99 2.86
N ALA A 21 -15.98 -45.60 4.11
CA ALA A 21 -16.97 -45.71 5.19
C ALA A 21 -18.15 -44.80 4.88
N SER A 22 -17.88 -43.61 4.37
CA SER A 22 -18.91 -42.63 3.98
C SER A 22 -19.75 -43.18 2.85
N ALA A 23 -19.14 -43.92 1.93
CA ALA A 23 -19.83 -44.54 0.78
C ALA A 23 -20.84 -45.58 1.27
N ASN A 24 -20.50 -46.37 2.27
CA ASN A 24 -21.40 -47.41 2.82
C ASN A 24 -22.62 -46.69 3.37
N LYS A 25 -22.46 -45.46 3.86
CA LYS A 25 -23.56 -44.62 4.39
C LYS A 25 -24.53 -44.27 3.27
N GLN A 26 -24.03 -44.12 2.05
CA GLN A 26 -24.85 -43.73 0.87
C GLN A 26 -25.81 -44.84 0.48
N ASP A 27 -26.96 -44.49 -0.09
CA ASP A 27 -27.99 -45.48 -0.52
C ASP A 27 -27.34 -46.44 -1.49
N THR A 28 -26.45 -45.97 -2.37
CA THR A 28 -25.67 -46.83 -3.29
C THR A 28 -24.18 -46.52 -3.08
N ASP A 29 -23.35 -47.53 -2.82
CA ASP A 29 -21.87 -47.37 -2.68
C ASP A 29 -21.24 -47.81 -3.99
N TYR A 30 -20.61 -46.91 -4.72
CA TYR A 30 -19.88 -47.24 -5.97
C TYR A 30 -18.39 -47.36 -5.66
N LEU A 31 -17.89 -46.71 -4.61
CA LEU A 31 -16.44 -46.58 -4.34
C LEU A 31 -15.76 -47.89 -3.98
N THR A 32 -16.38 -48.77 -3.22
CA THR A 32 -15.71 -50.01 -2.72
C THR A 32 -15.21 -50.84 -3.88
N ASP A 33 -16.00 -50.99 -4.93
CA ASP A 33 -15.63 -51.74 -6.16
C ASP A 33 -14.56 -51.02 -6.99
N LEU A 34 -14.61 -49.69 -7.13
CA LEU A 34 -13.70 -48.95 -8.03
C LEU A 34 -12.38 -48.57 -7.36
N LEU A 35 -12.20 -48.78 -6.06
CA LEU A 35 -10.91 -48.51 -5.37
C LEU A 35 -10.33 -49.80 -4.83
N ASP A 36 -9.00 -49.94 -4.82
CA ASP A 36 -8.27 -51.13 -4.31
C ASP A 36 -8.03 -50.94 -2.81
N ASN A 37 -8.64 -51.76 -1.97
CA ASN A 37 -8.54 -51.67 -0.49
C ASN A 37 -7.52 -52.70 -0.01
N THR A 38 -6.73 -53.27 -0.91
CA THR A 38 -5.83 -54.38 -0.57
C THR A 38 -4.55 -53.92 0.09
N ASN A 39 -4.04 -52.74 -0.26
CA ASN A 39 -2.76 -52.21 0.27
C ASN A 39 -3.02 -51.08 1.27
N ILE A 40 -4.23 -50.94 1.77
CA ILE A 40 -4.59 -49.92 2.80
C ILE A 40 -4.88 -50.63 4.12
N ASP A 41 -4.14 -50.29 5.19
CA ASP A 41 -4.33 -50.88 6.54
C ASP A 41 -4.46 -49.73 7.53
N LEU A 42 -5.64 -49.54 8.13
CA LEU A 42 -5.88 -48.48 9.13
C LEU A 42 -5.06 -48.80 10.37
N THR A 43 -4.67 -50.06 10.56
CA THR A 43 -3.90 -50.54 11.73
C THR A 43 -2.55 -49.83 11.79
N CYS A 44 -1.97 -49.42 10.66
CA CYS A 44 -0.71 -48.63 10.60
C CYS A 44 -0.88 -47.30 11.30
N VAL A 45 -2.03 -46.65 11.16
CA VAL A 45 -2.30 -45.30 11.75
C VAL A 45 -2.58 -45.48 13.24
N PRO A 46 -1.89 -44.75 14.14
CA PRO A 46 -2.22 -44.84 15.54
C PRO A 46 -3.62 -44.31 15.84
N ASN A 47 -4.45 -45.05 16.57
CA ASN A 47 -5.81 -44.65 16.97
C ASN A 47 -6.65 -44.37 15.72
N GLY A 48 -6.35 -45.03 14.61
CA GLY A 48 -7.00 -44.75 13.32
C GLY A 48 -8.49 -44.96 13.29
N GLN A 49 -9.01 -46.01 13.91
CA GLN A 49 -10.44 -46.34 13.90
C GLN A 49 -11.24 -45.22 14.55
N GLU A 50 -10.82 -44.73 15.69
CA GLU A 50 -11.54 -43.67 16.44
C GLU A 50 -11.38 -42.35 15.71
N ILE A 51 -10.28 -42.16 14.99
CA ILE A 51 -10.09 -40.94 14.16
C ILE A 51 -11.15 -40.97 13.07
N ILE A 52 -11.36 -42.12 12.42
CA ILE A 52 -12.33 -42.25 11.30
C ILE A 52 -13.73 -42.06 11.83
N HIS A 53 -14.04 -42.63 12.98
CA HIS A 53 -15.37 -42.47 13.62
C HIS A 53 -15.57 -41.00 13.99
N SER A 54 -14.55 -40.35 14.50
CA SER A 54 -14.59 -38.92 14.86
C SER A 54 -14.76 -38.05 13.63
N LEU A 55 -14.02 -38.32 12.55
CA LEU A 55 -14.08 -37.52 11.32
C LEU A 55 -15.44 -37.68 10.67
N LEU A 56 -16.02 -38.88 10.71
CA LEU A 56 -17.37 -39.15 10.15
C LEU A 56 -18.43 -38.38 10.95
N GLN A 57 -18.34 -38.34 12.26
CA GLN A 57 -19.29 -37.58 13.12
C GLN A 57 -19.17 -36.09 12.82
N LEU A 58 -17.95 -35.58 12.73
CA LEU A 58 -17.71 -34.14 12.51
C LEU A 58 -18.11 -33.73 11.10
N VAL A 59 -17.81 -34.53 10.08
CA VAL A 59 -18.09 -34.19 8.66
C VAL A 59 -19.60 -34.16 8.45
N GLY A 60 -20.33 -35.05 9.10
CA GLY A 60 -21.80 -35.07 9.02
C GLY A 60 -22.43 -33.84 9.63
N ASP A 61 -21.95 -33.40 10.78
CA ASP A 61 -22.45 -32.17 11.44
C ASP A 61 -22.12 -31.00 10.53
N PHE A 62 -20.96 -31.02 9.89
CA PHE A 62 -20.56 -29.97 8.94
C PHE A 62 -21.49 -29.96 7.74
N ASN A 63 -21.85 -31.13 7.23
CA ASN A 63 -22.67 -31.23 6.01
C ASN A 63 -24.05 -30.63 6.30
N GLN A 64 -24.59 -30.89 7.48
CA GLN A 64 -25.89 -30.33 7.88
C GLN A 64 -25.80 -28.81 8.00
N ARG A 65 -24.78 -28.28 8.65
CA ARG A 65 -24.67 -26.83 8.92
C ARG A 65 -24.50 -26.04 7.63
N PHE A 66 -23.62 -26.46 6.73
CA PHE A 66 -23.25 -25.67 5.53
C PHE A 66 -23.77 -26.36 4.27
N SER A 67 -24.74 -25.74 3.57
CA SER A 67 -25.30 -26.25 2.30
C SER A 67 -25.24 -25.14 1.25
N GLU A 73 -20.31 -26.52 -7.21
CA GLU A 73 -21.16 -26.44 -8.42
C GLU A 73 -20.67 -25.34 -9.35
N PRO A 74 -20.02 -24.25 -8.91
CA PRO A 74 -19.46 -23.29 -9.86
C PRO A 74 -18.34 -23.91 -10.71
N VAL A 75 -17.39 -24.63 -10.11
CA VAL A 75 -16.24 -25.24 -10.84
C VAL A 75 -16.47 -26.73 -11.03
N ALA A 76 -17.33 -27.35 -10.22
CA ALA A 76 -17.68 -28.76 -10.43
C ALA A 76 -18.37 -28.85 -11.77
N GLN A 77 -19.21 -27.88 -12.08
CA GLN A 77 -19.94 -27.85 -13.37
C GLN A 77 -18.92 -27.71 -14.48
N SER A 78 -17.91 -26.85 -14.32
CA SER A 78 -16.85 -26.64 -15.33
C SER A 78 -16.02 -27.91 -15.49
N LEU A 79 -15.73 -28.63 -14.39
CA LEU A 79 -14.87 -29.82 -14.40
C LEU A 79 -15.70 -31.09 -14.68
N GLY A 80 -17.02 -31.00 -14.76
CA GLY A 80 -17.86 -32.14 -15.11
C GLY A 80 -17.58 -33.35 -14.24
N ILE A 81 -17.56 -33.18 -12.92
CA ILE A 81 -17.33 -34.29 -11.95
C ILE A 81 -18.55 -35.21 -11.96
N ASP A 82 -19.71 -34.71 -12.38
CA ASP A 82 -20.96 -35.50 -12.45
C ASP A 82 -21.19 -36.02 -13.88
N SER A 83 -20.23 -35.87 -14.79
CA SER A 83 -20.31 -36.35 -16.20
C SER A 83 -19.78 -37.77 -16.32
N ASP A 84 -20.07 -38.46 -17.41
CA ASP A 84 -19.53 -39.82 -17.71
C ASP A 84 -18.21 -39.65 -18.43
N LYS A 85 -17.90 -38.43 -18.89
CA LYS A 85 -16.68 -38.16 -19.69
C LYS A 85 -15.43 -38.23 -18.82
N PRO A 86 -14.28 -38.74 -19.28
CA PRO A 86 -13.06 -38.70 -18.49
C PRO A 86 -12.76 -37.23 -18.12
N VAL A 87 -12.34 -36.95 -16.89
CA VAL A 87 -12.16 -35.57 -16.37
C VAL A 87 -10.75 -35.06 -16.60
N ASP A 88 -10.52 -33.76 -16.40
CA ASP A 88 -9.15 -33.19 -16.48
C ASP A 88 -8.53 -33.34 -15.10
N LYS A 89 -7.71 -34.36 -14.92
CA LYS A 89 -7.11 -34.63 -13.60
C LYS A 89 -6.25 -33.43 -13.26
N THR A 90 -5.54 -32.86 -14.22
CA THR A 90 -4.59 -31.77 -13.97
C THR A 90 -5.33 -30.54 -13.45
N ALA A 91 -6.44 -30.16 -14.06
CA ALA A 91 -7.19 -28.95 -13.69
C ALA A 91 -7.87 -29.09 -12.33
N LEU A 92 -8.46 -30.24 -12.03
CA LEU A 92 -9.17 -30.50 -10.76
C LEU A 92 -8.17 -30.34 -9.63
N GLU A 93 -6.93 -30.78 -9.82
CA GLU A 93 -5.88 -30.71 -8.79
C GLU A 93 -5.56 -29.26 -8.46
N ILE A 94 -5.38 -28.40 -9.47
CA ILE A 94 -5.01 -26.98 -9.24
C ILE A 94 -6.17 -26.34 -8.52
N PHE A 95 -7.40 -26.63 -8.95
CA PHE A 95 -8.64 -26.07 -8.34
C PHE A 95 -8.78 -26.56 -6.90
N TYR A 96 -8.55 -27.85 -6.65
CA TYR A 96 -8.66 -28.44 -5.30
C TYR A 96 -7.59 -27.82 -4.42
N LEU A 97 -6.38 -27.75 -4.91
CA LEU A 97 -5.26 -27.23 -4.11
C LEU A 97 -5.51 -25.75 -3.79
N GLU A 98 -5.99 -24.98 -4.74
CA GLU A 98 -6.28 -23.53 -4.56
C GLU A 98 -7.43 -23.35 -3.58
N ILE A 99 -8.48 -24.17 -3.68
CA ILE A 99 -9.64 -24.14 -2.77
C ILE A 99 -9.12 -24.43 -1.37
N LEU A 100 -8.24 -25.40 -1.20
CA LEU A 100 -7.63 -25.75 0.10
C LEU A 100 -6.71 -24.64 0.58
N ASN A 101 -5.98 -23.98 -0.30
CA ASN A 101 -5.06 -22.87 0.06
C ASN A 101 -5.90 -21.75 0.65
N GLY A 102 -7.10 -21.51 0.16
CA GLY A 102 -8.00 -20.50 0.72
C GLY A 102 -8.59 -20.92 2.05
N LEU A 103 -8.96 -22.19 2.19
CA LEU A 103 -9.57 -22.74 3.42
C LEU A 103 -8.57 -22.64 4.57
N PHE A 104 -7.30 -22.92 4.32
CA PHE A 104 -6.28 -23.00 5.39
C PHE A 104 -5.59 -21.67 5.59
N GLU A 105 -6.26 -20.57 5.28
CA GLU A 105 -5.77 -19.23 5.68
C GLU A 105 -5.78 -19.28 7.20
N LYS A 106 -6.83 -19.88 7.78
CA LYS A 106 -6.95 -20.11 9.24
C LYS A 106 -6.85 -21.61 9.45
N LEU A 107 -6.02 -22.06 10.39
CA LEU A 107 -5.80 -23.50 10.62
C LEU A 107 -6.39 -23.87 11.98
N ASN A 108 -7.45 -24.67 11.98
CA ASN A 108 -8.14 -25.15 13.19
C ASN A 108 -8.66 -26.52 12.79
N TRP A 109 -9.07 -27.35 13.73
CA TRP A 109 -9.57 -28.72 13.45
C TRP A 109 -10.81 -28.61 12.57
N GLY A 110 -11.63 -27.59 12.77
CA GLY A 110 -12.85 -27.38 12.00
C GLY A 110 -12.58 -27.17 10.54
N ARG A 111 -11.53 -26.47 10.18
CA ARG A 111 -11.12 -26.29 8.77
C ARG A 111 -10.65 -27.64 8.20
N ILE A 112 -9.97 -28.47 8.98
CA ILE A 112 -9.50 -29.81 8.54
C ILE A 112 -10.73 -30.67 8.25
N VAL A 113 -11.78 -30.55 9.05
CA VAL A 113 -13.02 -31.34 8.87
C VAL A 113 -13.61 -30.95 7.52
N ALA A 114 -13.57 -29.68 7.18
CA ALA A 114 -14.12 -29.16 5.92
C ALA A 114 -13.37 -29.70 4.72
N MET A 115 -12.05 -29.82 4.80
CA MET A 115 -11.24 -30.34 3.69
C MET A 115 -11.67 -31.78 3.41
N PHE A 116 -11.85 -32.60 4.43
CA PHE A 116 -12.27 -34.01 4.28
C PHE A 116 -13.68 -34.01 3.70
N ALA A 117 -14.51 -33.08 4.13
CA ALA A 117 -15.90 -32.94 3.65
C ALA A 117 -15.90 -32.61 2.17
N PHE A 118 -15.03 -31.74 1.71
CA PHE A 118 -14.94 -31.36 0.28
C PHE A 118 -14.48 -32.57 -0.52
N LEU A 119 -13.49 -33.30 -0.02
CA LEU A 119 -12.96 -34.50 -0.69
C LEU A 119 -14.09 -35.53 -0.78
N ARG A 120 -14.92 -35.65 0.25
CA ARG A 120 -16.04 -36.58 0.26
C ARG A 120 -17.00 -36.20 -0.85
N ILE A 121 -17.34 -34.92 -0.99
CA ILE A 121 -18.34 -34.47 -1.99
C ILE A 121 -17.77 -34.73 -3.37
N LEU A 122 -16.52 -34.38 -3.60
CA LEU A 122 -15.88 -34.57 -4.92
C LEU A 122 -15.76 -36.06 -5.20
N VAL A 123 -15.30 -36.85 -4.25
CA VAL A 123 -15.03 -38.30 -4.48
C VAL A 123 -16.35 -39.01 -4.71
N LEU A 124 -17.37 -38.72 -3.93
CA LEU A 124 -18.67 -39.44 -4.02
C LEU A 124 -19.38 -39.04 -5.33
N ARG A 125 -19.32 -37.79 -5.75
CA ARG A 125 -19.92 -37.38 -7.04
C ARG A 125 -19.13 -38.02 -8.18
N LEU A 126 -17.81 -38.08 -8.09
CA LEU A 126 -16.93 -38.69 -9.12
C LEU A 126 -17.20 -40.19 -9.18
N SER A 127 -17.53 -40.84 -8.08
CA SER A 127 -17.71 -42.31 -7.98
C SER A 127 -18.86 -42.82 -8.82
N LYS A 128 -19.89 -42.01 -9.08
CA LYS A 128 -21.10 -42.50 -9.78
C LYS A 128 -20.62 -43.08 -11.09
N HIS A 129 -19.62 -42.46 -11.70
CA HIS A 129 -18.96 -42.95 -12.94
C HIS A 129 -17.59 -43.43 -12.46
N GLY A 130 -16.88 -44.27 -13.20
CA GLY A 130 -15.62 -44.83 -12.67
C GLY A 130 -14.45 -43.89 -12.84
N HIS A 131 -14.45 -42.73 -12.19
CA HIS A 131 -13.30 -41.80 -12.22
C HIS A 131 -12.37 -42.15 -11.07
N SER A 132 -11.88 -43.38 -11.03
CA SER A 132 -10.99 -43.88 -9.96
C SER A 132 -9.70 -43.09 -9.95
N ASP A 133 -9.14 -42.79 -11.12
CA ASP A 133 -7.83 -42.12 -11.23
C ASP A 133 -7.92 -40.73 -10.61
N ALA A 134 -9.01 -39.99 -10.84
CA ALA A 134 -9.19 -38.64 -10.26
C ALA A 134 -9.34 -38.72 -8.74
N ILE A 135 -10.07 -39.70 -8.22
CA ILE A 135 -10.28 -39.89 -6.77
C ILE A 135 -8.93 -40.19 -6.14
N GLN A 136 -8.13 -41.03 -6.77
CA GLN A 136 -6.79 -41.41 -6.28
C GLN A 136 -5.87 -40.19 -6.31
N MET A 137 -5.98 -39.36 -7.35
CA MET A 137 -5.18 -38.12 -7.45
C MET A 137 -5.56 -37.22 -6.30
N LEU A 138 -6.84 -37.08 -6.04
CA LEU A 138 -7.32 -36.17 -4.97
C LEU A 138 -6.83 -36.69 -3.63
N ILE A 139 -6.85 -38.00 -3.38
CA ILE A 139 -6.40 -38.60 -2.10
C ILE A 139 -4.90 -38.33 -1.94
N LYS A 140 -4.13 -38.50 -2.99
CA LYS A 140 -2.67 -38.24 -2.99
C LYS A 140 -2.44 -36.74 -2.78
N THR A 141 -3.22 -35.90 -3.44
CA THR A 141 -3.09 -34.43 -3.35
C THR A 141 -3.38 -33.99 -1.92
N THR A 142 -4.39 -34.56 -1.27
CA THR A 142 -4.73 -34.24 0.14
C THR A 142 -3.55 -34.66 1.00
N SER A 143 -2.96 -35.81 0.71
CA SER A 143 -1.82 -36.38 1.48
C SER A 143 -0.58 -35.52 1.34
N GLN A 144 -0.25 -35.09 0.13
CA GLN A 144 0.92 -34.23 -0.11
C GLN A 144 0.70 -32.86 0.52
N TYR A 145 -0.48 -32.26 0.34
CA TYR A 145 -0.78 -30.92 0.85
C TYR A 145 -0.73 -30.95 2.37
N SER A 146 -1.22 -32.00 3.00
CA SER A 146 -1.26 -32.12 4.47
C SER A 146 0.17 -32.24 5.00
N ASP A 147 1.03 -32.98 4.31
CA ASP A 147 2.43 -33.20 4.75
C ASP A 147 3.17 -31.88 4.67
N GLU A 148 2.87 -31.05 3.69
CA GLU A 148 3.61 -29.81 3.45
C GLU A 148 3.09 -28.67 4.32
N LYS A 149 1.78 -28.49 4.45
CA LYS A 149 1.20 -27.31 5.14
C LYS A 149 0.53 -27.59 6.48
N LEU A 150 -0.18 -28.70 6.65
CA LEU A 150 -0.97 -28.98 7.87
C LEU A 150 -0.22 -29.83 8.88
N LYS A 151 0.93 -30.42 8.56
CA LYS A 151 1.63 -31.38 9.45
C LYS A 151 2.16 -30.75 10.74
N ASN A 152 2.69 -29.54 10.74
CA ASN A 152 3.28 -28.98 11.98
C ASN A 152 2.15 -28.73 12.95
N TRP A 153 1.05 -28.18 12.47
CA TRP A 153 -0.14 -27.93 13.31
C TRP A 153 -0.75 -29.26 13.75
N ILE A 154 -0.94 -30.21 12.84
CA ILE A 154 -1.63 -31.46 13.22
C ILE A 154 -0.75 -32.12 14.26
N ASN A 155 0.57 -32.05 14.11
CA ASN A 155 1.53 -32.66 15.08
C ASN A 155 1.44 -32.00 16.46
N LEU A 156 1.32 -30.69 16.56
CA LEU A 156 1.26 -29.96 17.86
C LEU A 156 -0.13 -30.07 18.48
N HIS A 157 -1.05 -30.86 17.91
CA HIS A 157 -2.44 -31.01 18.41
C HIS A 157 -2.72 -32.50 18.60
N ASP A 158 -1.76 -33.26 19.10
CA ASP A 158 -1.88 -34.70 19.44
C ASP A 158 -1.95 -35.51 18.15
N GLY A 159 -1.59 -34.90 17.04
CA GLY A 159 -1.60 -35.57 15.73
C GLY A 159 -3.00 -35.73 15.22
N TRP A 160 -3.20 -36.65 14.30
CA TRP A 160 -4.53 -36.98 13.76
C TRP A 160 -5.35 -37.47 14.93
N SER A 161 -4.73 -38.02 15.96
CA SER A 161 -5.41 -38.53 17.18
C SER A 161 -6.12 -37.38 17.89
N GLY A 162 -5.78 -36.14 17.61
CA GLY A 162 -6.38 -34.94 18.21
C GLY A 162 -7.84 -34.77 17.88
N LEU A 163 -8.28 -35.31 16.76
CA LEU A 163 -9.70 -35.25 16.32
C LEU A 163 -10.57 -36.04 17.29
N ILE A 164 -10.04 -37.03 17.99
CA ILE A 164 -10.82 -37.89 18.93
C ILE A 164 -11.32 -37.09 20.13
N GLU A 165 -10.54 -36.15 20.65
CA GLU A 165 -10.93 -35.34 21.82
C GLU A 165 -11.75 -34.16 21.33
N PHE A 166 -11.47 -33.66 20.14
CA PHE A 166 -12.22 -32.53 19.56
C PHE A 166 -13.67 -32.95 19.37
N SER A 167 -13.90 -34.17 18.90
CA SER A 167 -15.25 -34.74 18.66
C SER A 167 -16.04 -34.87 19.96
N GLY A 168 -15.40 -35.23 21.06
CA GLY A 168 -16.09 -35.48 22.34
C GLY A 168 -16.35 -36.94 22.60
N ARG A 169 -15.75 -37.80 21.79
CA ARG A 169 -15.72 -39.27 21.96
C ARG A 169 -14.32 -39.67 22.45
N THR B 4 -40.36 0.29 -26.08
CA THR B 4 -39.33 1.31 -26.39
C THR B 4 -38.08 0.63 -26.93
N ALA B 5 -37.50 -0.32 -26.20
CA ALA B 5 -36.23 -0.98 -26.57
C ALA B 5 -36.37 -2.51 -26.58
N ASP B 6 -35.48 -3.21 -27.28
CA ASP B 6 -35.48 -4.70 -27.37
C ASP B 6 -35.06 -5.24 -26.02
N PHE B 7 -35.40 -6.48 -25.72
CA PHE B 7 -35.05 -7.13 -24.43
C PHE B 7 -33.54 -7.17 -24.30
N ARG B 8 -32.83 -7.51 -25.37
CA ARG B 8 -31.36 -7.63 -25.36
C ARG B 8 -30.74 -6.25 -25.07
N LEU B 9 -31.23 -5.20 -25.73
CA LEU B 9 -30.70 -3.83 -25.55
C LEU B 9 -31.02 -3.36 -24.14
N GLN B 10 -32.22 -3.64 -23.67
CA GLN B 10 -32.66 -3.22 -22.33
C GLN B 10 -31.78 -3.95 -21.32
N THR B 11 -31.45 -5.22 -21.57
CA THR B 11 -30.62 -6.05 -20.66
C THR B 11 -29.19 -5.52 -20.59
N SER B 12 -28.55 -5.22 -21.71
CA SER B 12 -27.14 -4.73 -21.75
C SER B 12 -27.06 -3.38 -21.07
N THR B 13 -28.02 -2.51 -21.32
CA THR B 13 -28.02 -1.15 -20.76
C THR B 13 -28.08 -1.29 -19.24
N LEU B 14 -28.95 -2.16 -18.76
CA LEU B 14 -29.11 -2.39 -17.30
C LEU B 14 -27.81 -3.00 -16.77
N CYS B 15 -27.19 -3.91 -17.52
CA CYS B 15 -25.92 -4.55 -17.10
C CYS B 15 -24.83 -3.49 -17.01
N HIS B 16 -24.71 -2.62 -17.99
CA HIS B 16 -23.64 -1.59 -18.05
C HIS B 16 -23.81 -0.61 -16.90
N SER B 17 -25.01 -0.13 -16.66
CA SER B 17 -25.28 0.82 -15.56
C SER B 17 -25.01 0.13 -14.24
N PHE B 18 -25.45 -1.11 -14.10
CA PHE B 18 -25.27 -1.86 -12.82
C PHE B 18 -23.77 -2.05 -12.58
N LEU B 19 -23.03 -2.44 -13.61
CA LEU B 19 -21.58 -2.69 -13.49
C LEU B 19 -20.85 -1.38 -13.18
N LEU B 20 -21.21 -0.29 -13.84
CA LEU B 20 -20.57 1.02 -13.62
C LEU B 20 -20.84 1.54 -12.20
N ALA B 21 -22.05 1.39 -11.71
CA ALA B 21 -22.45 1.92 -10.39
C ALA B 21 -21.70 1.19 -9.28
N SER B 22 -21.58 -0.12 -9.40
CA SER B 22 -20.87 -0.96 -8.42
C SER B 22 -19.41 -0.57 -8.41
N ALA B 23 -18.83 -0.31 -9.57
CA ALA B 23 -17.42 0.13 -9.68
C ALA B 23 -17.24 1.46 -8.96
N ASN B 24 -18.18 2.39 -9.08
CA ASN B 24 -18.08 3.71 -8.42
C ASN B 24 -18.05 3.46 -6.92
N LYS B 25 -18.79 2.47 -6.45
CA LYS B 25 -18.85 2.12 -5.01
C LYS B 25 -17.50 1.56 -4.54
N GLN B 26 -16.64 1.07 -5.45
CA GLN B 26 -15.31 0.49 -5.11
C GLN B 26 -14.36 1.60 -4.67
N ASP B 27 -13.27 1.26 -3.99
CA ASP B 27 -12.29 2.24 -3.48
C ASP B 27 -11.70 2.97 -4.67
N THR B 28 -11.37 2.25 -5.74
CA THR B 28 -10.89 2.85 -7.01
C THR B 28 -11.78 2.33 -8.12
N ASP B 29 -12.54 3.20 -8.78
CA ASP B 29 -13.37 2.79 -9.94
C ASP B 29 -12.42 2.74 -11.11
N TYR B 30 -12.34 1.61 -11.80
CA TYR B 30 -11.52 1.47 -13.03
C TYR B 30 -12.45 1.35 -14.23
N LEU B 31 -13.70 0.95 -14.04
CA LEU B 31 -14.61 0.66 -15.18
C LEU B 31 -14.98 1.93 -15.94
N THR B 32 -15.32 3.02 -15.28
CA THR B 32 -15.76 4.28 -15.94
C THR B 32 -14.74 4.66 -17.01
N ASP B 33 -13.47 4.68 -16.64
CA ASP B 33 -12.38 5.10 -17.55
C ASP B 33 -12.14 4.10 -18.67
N LEU B 34 -12.26 2.79 -18.45
CA LEU B 34 -11.88 1.77 -19.47
C LEU B 34 -13.03 1.45 -20.42
N LEU B 35 -14.28 1.72 -20.07
CA LEU B 35 -15.45 1.29 -20.88
C LEU B 35 -16.12 2.51 -21.51
N ASP B 36 -16.60 2.43 -22.76
CA ASP B 36 -17.27 3.55 -23.47
C ASP B 36 -18.71 3.64 -23.00
N ASN B 37 -19.07 4.69 -22.26
CA ASN B 37 -20.44 4.88 -21.69
C ASN B 37 -21.20 5.89 -22.54
N THR B 38 -20.70 6.19 -23.72
CA THR B 38 -21.28 7.25 -24.58
C THR B 38 -22.51 6.74 -25.29
N ASN B 39 -22.56 5.45 -25.62
CA ASN B 39 -23.68 4.88 -26.40
C ASN B 39 -24.71 4.18 -25.51
N ILE B 40 -24.65 4.35 -24.19
CA ILE B 40 -25.57 3.69 -23.24
C ILE B 40 -26.56 4.71 -22.67
N ASP B 41 -27.86 4.53 -22.90
CA ASP B 41 -28.92 5.43 -22.39
C ASP B 41 -29.90 4.61 -21.54
N LEU B 42 -29.94 4.80 -20.23
CA LEU B 42 -30.84 4.05 -19.31
C LEU B 42 -32.28 4.55 -19.46
N THR B 43 -32.47 5.72 -20.06
CA THR B 43 -33.81 6.32 -20.27
C THR B 43 -34.57 5.39 -21.23
N CYS B 44 -33.86 4.67 -22.08
CA CYS B 44 -34.46 3.69 -23.03
C CYS B 44 -35.17 2.56 -22.30
N VAL B 45 -34.72 2.21 -21.10
CA VAL B 45 -35.27 1.09 -20.31
C VAL B 45 -36.47 1.59 -19.51
N PRO B 46 -37.66 0.98 -19.60
CA PRO B 46 -38.76 1.37 -18.73
C PRO B 46 -38.46 1.08 -17.26
N ASN B 47 -38.63 2.06 -16.37
CA ASN B 47 -38.36 1.94 -14.92
C ASN B 47 -36.89 1.57 -14.68
N GLY B 48 -35.97 1.98 -15.55
CA GLY B 48 -34.55 1.58 -15.50
C GLY B 48 -33.82 2.00 -14.25
N GLN B 49 -34.04 3.22 -13.78
CA GLN B 49 -33.35 3.73 -12.58
C GLN B 49 -33.72 2.88 -11.38
N GLU B 50 -35.00 2.59 -11.21
CA GLU B 50 -35.50 1.81 -10.06
C GLU B 50 -35.00 0.39 -10.17
N ILE B 51 -34.97 -0.16 -11.36
CA ILE B 51 -34.50 -1.55 -11.56
C ILE B 51 -33.05 -1.59 -11.11
N ILE B 52 -32.22 -0.65 -11.53
CA ILE B 52 -30.75 -0.66 -11.23
C ILE B 52 -30.52 -0.39 -9.75
N HIS B 53 -31.24 0.54 -9.17
CA HIS B 53 -31.12 0.83 -7.72
C HIS B 53 -31.53 -0.43 -6.96
N SER B 54 -32.59 -1.10 -7.38
CA SER B 54 -33.09 -2.35 -6.75
C SER B 54 -32.11 -3.50 -6.95
N LEU B 55 -31.57 -3.65 -8.15
CA LEU B 55 -30.63 -4.75 -8.48
C LEU B 55 -29.38 -4.55 -7.63
N LEU B 56 -28.99 -3.30 -7.40
CA LEU B 56 -27.81 -2.98 -6.58
C LEU B 56 -28.05 -3.40 -5.14
N GLN B 57 -29.22 -3.13 -4.57
CA GLN B 57 -29.54 -3.51 -3.18
C GLN B 57 -29.53 -5.03 -3.06
N LEU B 58 -30.16 -5.74 -4.00
CA LEU B 58 -30.25 -7.22 -3.96
C LEU B 58 -28.89 -7.86 -4.20
N VAL B 59 -28.13 -7.39 -5.19
CA VAL B 59 -26.81 -7.99 -5.54
C VAL B 59 -25.89 -7.78 -4.35
N GLY B 60 -26.06 -6.67 -3.65
CA GLY B 60 -25.28 -6.40 -2.44
C GLY B 60 -25.57 -7.43 -1.38
N ASP B 61 -26.83 -7.81 -1.17
CA ASP B 61 -27.23 -8.80 -0.15
C ASP B 61 -26.69 -10.18 -0.51
N PHE B 62 -26.62 -10.56 -1.78
CA PHE B 62 -26.08 -11.86 -2.25
C PHE B 62 -24.60 -11.93 -1.91
N ASN B 63 -23.87 -10.84 -2.07
CA ASN B 63 -22.40 -10.78 -1.84
C ASN B 63 -22.13 -10.87 -0.34
N GLN B 64 -22.92 -10.21 0.50
CA GLN B 64 -22.70 -10.21 1.97
C GLN B 64 -23.03 -11.56 2.60
N ARG B 65 -24.23 -12.13 2.36
CA ARG B 65 -24.66 -13.39 3.01
C ARG B 65 -23.86 -14.54 2.42
N PHE B 66 -23.61 -14.53 1.10
CA PHE B 66 -22.81 -15.57 0.42
C PHE B 66 -21.41 -14.98 0.24
N SER B 67 -20.42 -15.41 1.03
CA SER B 67 -19.05 -14.82 1.04
C SER B 67 -19.14 -13.35 1.48
N SER B 78 -13.85 -19.58 -7.06
CA SER B 78 -13.81 -18.56 -8.13
C SER B 78 -12.38 -18.38 -8.64
N LEU B 79 -11.63 -19.48 -8.78
CA LEU B 79 -10.25 -19.42 -9.35
C LEU B 79 -10.38 -18.96 -10.81
N GLY B 80 -9.47 -18.09 -11.27
CA GLY B 80 -9.49 -17.57 -12.64
C GLY B 80 -8.22 -16.82 -12.95
N ILE B 81 -8.23 -15.99 -13.99
CA ILE B 81 -7.07 -15.14 -14.38
C ILE B 81 -7.28 -13.74 -13.81
N ASP B 82 -6.50 -13.33 -12.80
CA ASP B 82 -6.57 -11.97 -12.20
C ASP B 82 -5.28 -11.24 -12.58
N SER B 83 -4.57 -11.71 -13.61
CA SER B 83 -3.28 -11.14 -14.07
C SER B 83 -3.50 -10.08 -15.14
N ASP B 84 -2.43 -9.43 -15.61
CA ASP B 84 -2.50 -8.41 -16.69
C ASP B 84 -2.35 -9.11 -18.04
N LYS B 85 -2.10 -10.42 -18.06
CA LYS B 85 -1.80 -11.15 -19.31
C LYS B 85 -3.05 -11.28 -20.18
N PRO B 86 -2.94 -11.42 -21.52
CA PRO B 86 -4.13 -11.48 -22.37
C PRO B 86 -5.03 -12.67 -21.99
N VAL B 87 -6.35 -12.49 -22.00
CA VAL B 87 -7.33 -13.54 -21.57
C VAL B 87 -8.06 -14.06 -22.82
N ASP B 88 -8.25 -15.38 -22.92
CA ASP B 88 -8.90 -15.98 -24.11
C ASP B 88 -10.38 -15.61 -24.06
N LYS B 89 -10.91 -15.05 -25.13
CA LYS B 89 -12.33 -14.65 -25.20
C LYS B 89 -13.19 -15.89 -25.13
N THR B 90 -12.83 -16.93 -25.88
CA THR B 90 -13.66 -18.17 -25.95
C THR B 90 -13.71 -18.78 -24.56
N ALA B 91 -12.60 -18.81 -23.85
CA ALA B 91 -12.53 -19.48 -22.53
C ALA B 91 -13.45 -18.80 -21.54
N LEU B 92 -13.48 -17.47 -21.54
CA LEU B 92 -14.28 -16.71 -20.55
C LEU B 92 -15.78 -16.96 -20.78
N GLU B 93 -16.26 -16.92 -22.02
CA GLU B 93 -17.69 -17.17 -22.31
C GLU B 93 -18.02 -18.63 -22.02
N ILE B 94 -17.14 -19.56 -22.37
CA ILE B 94 -17.46 -21.00 -22.21
C ILE B 94 -17.66 -21.25 -20.71
N PHE B 95 -16.77 -20.74 -19.87
CA PHE B 95 -16.87 -20.90 -18.40
C PHE B 95 -18.11 -20.18 -17.89
N TYR B 96 -18.26 -18.89 -18.16
CA TYR B 96 -19.36 -18.05 -17.61
C TYR B 96 -20.70 -18.63 -18.03
N LEU B 97 -20.83 -18.96 -19.31
CA LEU B 97 -22.09 -19.51 -19.84
C LEU B 97 -22.35 -20.86 -19.17
N GLU B 98 -21.32 -21.63 -18.82
CA GLU B 98 -21.49 -22.98 -18.25
C GLU B 98 -21.78 -22.88 -16.76
N ILE B 99 -21.22 -21.91 -16.06
CA ILE B 99 -21.61 -21.76 -14.63
C ILE B 99 -23.04 -21.22 -14.68
N LEU B 100 -23.35 -20.36 -15.66
CA LEU B 100 -24.69 -19.75 -15.78
C LEU B 100 -25.73 -20.82 -16.09
N ASN B 101 -25.40 -21.76 -16.97
CA ASN B 101 -26.36 -22.82 -17.36
C ASN B 101 -26.69 -23.55 -16.06
N GLY B 102 -25.69 -23.76 -15.23
CA GLY B 102 -25.90 -24.36 -13.91
C GLY B 102 -26.75 -23.47 -13.03
N LEU B 103 -26.56 -22.17 -13.08
CA LEU B 103 -27.25 -21.23 -12.18
C LEU B 103 -28.73 -21.26 -12.47
N PHE B 104 -29.13 -21.58 -13.71
CA PHE B 104 -30.56 -21.46 -14.12
C PHE B 104 -31.23 -22.83 -14.26
N GLU B 105 -30.75 -23.86 -13.57
CA GLU B 105 -31.49 -25.15 -13.54
C GLU B 105 -32.85 -24.78 -12.94
N LYS B 106 -32.90 -23.85 -11.99
CA LYS B 106 -34.17 -23.30 -11.43
C LYS B 106 -34.29 -21.85 -11.92
N LEU B 107 -35.49 -21.38 -12.28
CA LEU B 107 -35.73 -19.97 -12.72
C LEU B 107 -36.54 -19.22 -11.66
N ASN B 108 -35.93 -18.29 -10.94
CA ASN B 108 -36.58 -17.42 -9.93
C ASN B 108 -35.78 -16.13 -9.93
N TRP B 109 -36.27 -15.06 -9.30
CA TRP B 109 -35.59 -13.73 -9.29
C TRP B 109 -34.22 -13.82 -8.60
N GLY B 110 -34.10 -14.59 -7.52
CA GLY B 110 -32.84 -14.69 -6.75
C GLY B 110 -31.73 -15.20 -7.62
N ARG B 111 -32.01 -16.14 -8.50
CA ARG B 111 -31.01 -16.71 -9.42
C ARG B 111 -30.54 -15.64 -10.41
N ILE B 112 -31.45 -14.80 -10.90
CA ILE B 112 -31.08 -13.70 -11.84
C ILE B 112 -30.17 -12.73 -11.07
N VAL B 113 -30.47 -12.44 -9.81
CA VAL B 113 -29.63 -11.55 -8.97
C VAL B 113 -28.26 -12.21 -8.91
N ALA B 114 -28.20 -13.53 -8.82
CA ALA B 114 -26.95 -14.29 -8.73
C ALA B 114 -26.13 -14.12 -10.02
N MET B 115 -26.77 -14.18 -11.17
CA MET B 115 -26.05 -14.04 -12.47
C MET B 115 -25.41 -12.67 -12.48
N PHE B 116 -26.14 -11.66 -12.04
CA PHE B 116 -25.63 -10.26 -12.04
C PHE B 116 -24.48 -10.19 -11.06
N ALA B 117 -24.59 -10.83 -9.91
CA ALA B 117 -23.54 -10.79 -8.87
C ALA B 117 -22.27 -11.39 -9.44
N PHE B 118 -22.39 -12.47 -10.20
CA PHE B 118 -21.22 -13.14 -10.80
C PHE B 118 -20.57 -12.17 -11.77
N LEU B 119 -21.35 -11.48 -12.60
CA LEU B 119 -20.81 -10.55 -13.63
C LEU B 119 -20.08 -9.43 -12.91
N ARG B 120 -20.62 -8.92 -11.81
CA ARG B 120 -20.03 -7.78 -11.08
C ARG B 120 -18.65 -8.18 -10.61
N ILE B 121 -18.50 -9.34 -9.98
CA ILE B 121 -17.19 -9.76 -9.43
C ILE B 121 -16.23 -9.94 -10.58
N LEU B 122 -16.66 -10.62 -11.64
CA LEU B 122 -15.77 -10.92 -12.79
C LEU B 122 -15.34 -9.63 -13.46
N VAL B 123 -16.27 -8.72 -13.72
CA VAL B 123 -15.96 -7.49 -14.47
C VAL B 123 -15.06 -6.60 -13.62
N LEU B 124 -15.36 -6.44 -12.33
CA LEU B 124 -14.57 -5.53 -11.48
C LEU B 124 -13.15 -6.08 -11.38
N ARG B 125 -12.98 -7.39 -11.25
CA ARG B 125 -11.65 -8.02 -11.17
C ARG B 125 -10.89 -7.77 -12.47
N LEU B 126 -11.53 -7.94 -13.61
CA LEU B 126 -10.90 -7.71 -14.93
C LEU B 126 -10.56 -6.23 -15.09
N SER B 127 -11.27 -5.32 -14.41
CA SER B 127 -11.12 -3.85 -14.53
C SER B 127 -9.80 -3.32 -13.96
N LYS B 128 -9.13 -4.03 -13.05
CA LYS B 128 -7.81 -3.59 -12.53
C LYS B 128 -6.86 -3.50 -13.72
N HIS B 129 -6.93 -4.45 -14.64
CA HIS B 129 -6.17 -4.43 -15.91
C HIS B 129 -7.12 -3.96 -17.00
N GLY B 130 -6.62 -3.63 -18.19
CA GLY B 130 -7.44 -3.10 -19.28
C GLY B 130 -7.97 -4.16 -20.20
N HIS B 131 -8.71 -5.15 -19.71
CA HIS B 131 -9.36 -6.19 -20.56
C HIS B 131 -10.74 -5.68 -20.92
N SER B 132 -10.81 -4.55 -21.61
CA SER B 132 -12.09 -3.94 -22.05
C SER B 132 -12.76 -4.92 -22.99
N ASP B 133 -11.96 -5.61 -23.79
CA ASP B 133 -12.49 -6.56 -24.80
C ASP B 133 -13.33 -7.61 -24.07
N ALA B 134 -12.84 -8.16 -22.97
CA ALA B 134 -13.51 -9.24 -22.21
C ALA B 134 -14.79 -8.75 -21.54
N ILE B 135 -14.76 -7.58 -20.94
CA ILE B 135 -15.93 -7.04 -20.18
C ILE B 135 -17.06 -6.81 -21.19
N GLN B 136 -16.74 -6.29 -22.35
CA GLN B 136 -17.75 -6.02 -23.41
C GLN B 136 -18.34 -7.35 -23.85
N MET B 137 -17.51 -8.36 -24.02
CA MET B 137 -17.96 -9.72 -24.46
C MET B 137 -18.88 -10.31 -23.40
N LEU B 138 -18.53 -10.20 -22.13
CA LEU B 138 -19.34 -10.76 -21.04
C LEU B 138 -20.68 -10.06 -21.01
N ILE B 139 -20.70 -8.75 -21.19
CA ILE B 139 -21.97 -7.95 -21.20
C ILE B 139 -22.81 -8.39 -22.39
N LYS B 140 -22.20 -8.54 -23.56
CA LYS B 140 -22.92 -9.01 -24.77
C LYS B 140 -23.40 -10.43 -24.54
N THR B 141 -22.58 -11.27 -23.90
CA THR B 141 -22.91 -12.69 -23.66
C THR B 141 -24.12 -12.75 -22.74
N THR B 142 -24.16 -11.96 -21.68
CA THR B 142 -25.26 -11.98 -20.69
C THR B 142 -26.53 -11.58 -21.41
N SER B 143 -26.46 -10.60 -22.32
CA SER B 143 -27.63 -10.10 -23.08
C SER B 143 -28.19 -11.20 -23.97
N GLN B 144 -27.33 -11.91 -24.69
CA GLN B 144 -27.77 -12.97 -25.63
C GLN B 144 -28.42 -14.10 -24.84
N TYR B 145 -27.85 -14.49 -23.71
CA TYR B 145 -28.37 -15.60 -22.89
C TYR B 145 -29.75 -15.24 -22.37
N SER B 146 -29.92 -14.03 -21.87
CA SER B 146 -31.21 -13.62 -21.26
C SER B 146 -32.26 -13.62 -22.36
N ASP B 147 -31.94 -13.09 -23.54
CA ASP B 147 -32.90 -13.05 -24.67
C ASP B 147 -33.22 -14.48 -25.03
N GLU B 148 -32.20 -15.35 -25.06
CA GLU B 148 -32.35 -16.78 -25.45
C GLU B 148 -33.14 -17.61 -24.43
N LYS B 149 -32.93 -17.44 -23.12
CA LYS B 149 -33.53 -18.35 -22.10
C LYS B 149 -34.38 -17.64 -21.05
N LEU B 150 -33.91 -16.59 -20.39
CA LEU B 150 -34.61 -15.97 -19.23
C LEU B 150 -35.75 -15.03 -19.66
N LYS B 151 -35.88 -14.67 -20.92
CA LYS B 151 -36.82 -13.62 -21.38
C LYS B 151 -38.30 -13.92 -21.10
N ASN B 152 -38.79 -15.11 -21.39
CA ASN B 152 -40.24 -15.43 -21.25
C ASN B 152 -40.64 -15.40 -19.79
N TRP B 153 -39.82 -15.93 -18.93
CA TRP B 153 -40.09 -15.90 -17.48
C TRP B 153 -40.13 -14.44 -17.06
N ILE B 154 -39.14 -13.65 -17.46
CA ILE B 154 -39.05 -12.22 -17.04
C ILE B 154 -40.27 -11.48 -17.61
N ASN B 155 -40.67 -11.78 -18.83
CA ASN B 155 -41.81 -11.12 -19.50
C ASN B 155 -43.11 -11.56 -18.82
N LEU B 156 -43.11 -12.71 -18.15
CA LEU B 156 -44.29 -13.21 -17.39
C LEU B 156 -44.19 -12.75 -15.93
N HIS B 157 -43.19 -11.93 -15.58
CA HIS B 157 -42.94 -11.48 -14.19
C HIS B 157 -42.77 -9.95 -14.12
N ASP B 158 -43.61 -9.18 -14.82
CA ASP B 158 -43.64 -7.69 -14.77
C ASP B 158 -42.37 -7.12 -15.39
N GLY B 159 -41.64 -7.91 -16.17
CA GLY B 159 -40.40 -7.48 -16.83
C GLY B 159 -39.27 -7.31 -15.86
N TRP B 160 -38.23 -6.58 -16.25
CA TRP B 160 -37.07 -6.27 -15.38
C TRP B 160 -37.60 -5.45 -14.22
N SER B 161 -38.72 -4.76 -14.42
CA SER B 161 -39.34 -3.92 -13.38
C SER B 161 -39.78 -4.80 -12.23
N GLY B 162 -39.82 -6.12 -12.42
CA GLY B 162 -40.14 -7.10 -11.36
C GLY B 162 -39.11 -7.11 -10.26
N LEU B 163 -37.87 -6.69 -10.54
CA LEU B 163 -36.82 -6.59 -9.51
C LEU B 163 -37.25 -5.55 -8.48
N ILE B 164 -38.00 -4.53 -8.88
CA ILE B 164 -38.38 -3.41 -7.98
C ILE B 164 -39.28 -3.92 -6.85
N GLU B 165 -40.28 -4.75 -7.16
CA GLU B 165 -41.23 -5.32 -6.15
C GLU B 165 -40.52 -6.35 -5.27
N PHE B 166 -39.62 -7.15 -5.83
CA PHE B 166 -38.85 -8.18 -5.10
C PHE B 166 -37.94 -7.49 -4.09
N SER B 167 -37.63 -6.22 -4.28
CA SER B 167 -36.73 -5.41 -3.42
C SER B 167 -37.52 -4.57 -2.43
N GLY B 168 -38.81 -4.83 -2.27
CA GLY B 168 -39.68 -4.09 -1.32
C GLY B 168 -39.81 -2.61 -1.60
N ARG B 169 -40.18 -2.24 -2.84
CA ARG B 169 -40.40 -0.83 -3.23
C ARG B 169 -41.72 -0.30 -2.66
N ALA C 5 -31.74 15.63 -27.13
CA ALA C 5 -32.46 14.46 -26.60
C ALA C 5 -31.44 13.45 -26.13
N ASP C 6 -30.26 13.38 -26.74
CA ASP C 6 -29.15 12.50 -26.28
C ASP C 6 -28.55 13.24 -25.09
N PHE C 7 -27.69 12.60 -24.33
CA PHE C 7 -27.14 13.21 -23.11
C PHE C 7 -26.17 14.32 -23.46
N ARG C 8 -25.30 14.17 -24.42
CA ARG C 8 -24.25 15.15 -24.75
C ARG C 8 -24.93 16.42 -25.24
N LEU C 9 -25.94 16.28 -26.10
CA LEU C 9 -26.68 17.43 -26.66
C LEU C 9 -27.47 18.13 -25.57
N GLN C 10 -28.05 17.37 -24.66
CA GLN C 10 -28.78 17.96 -23.52
C GLN C 10 -27.82 18.75 -22.64
N THR C 11 -26.63 18.23 -22.35
CA THR C 11 -25.61 18.90 -21.49
C THR C 11 -25.08 20.15 -22.21
N SER C 12 -24.80 20.08 -23.51
CA SER C 12 -24.28 21.20 -24.32
C SER C 12 -25.30 22.32 -24.33
N THR C 13 -26.57 21.99 -24.50
CA THR C 13 -27.67 22.97 -24.51
C THR C 13 -27.77 23.59 -23.12
N LEU C 14 -27.72 22.79 -22.07
CA LEU C 14 -27.87 23.30 -20.68
C LEU C 14 -26.68 24.20 -20.37
N CYS C 15 -25.48 23.82 -20.81
CA CYS C 15 -24.25 24.60 -20.56
C CYS C 15 -24.37 25.95 -21.27
N HIS C 16 -24.80 25.98 -22.52
CA HIS C 16 -24.93 27.22 -23.31
C HIS C 16 -25.93 28.15 -22.66
N SER C 17 -27.08 27.65 -22.22
CA SER C 17 -28.15 28.47 -21.64
C SER C 17 -27.71 29.06 -20.30
N PHE C 18 -27.05 28.28 -19.46
CA PHE C 18 -26.56 28.72 -18.13
C PHE C 18 -25.51 29.81 -18.29
N LEU C 19 -24.60 29.64 -19.24
CA LEU C 19 -23.50 30.60 -19.47
C LEU C 19 -24.05 31.90 -20.05
N LEU C 20 -24.97 31.84 -21.01
CA LEU C 20 -25.60 33.05 -21.61
C LEU C 20 -26.47 33.72 -20.56
N ALA C 21 -27.16 32.97 -19.72
CA ALA C 21 -28.00 33.49 -18.62
C ALA C 21 -27.16 34.20 -17.58
N SER C 22 -26.04 33.62 -17.20
CA SER C 22 -25.11 34.19 -16.20
C SER C 22 -24.46 35.44 -16.75
N ALA C 23 -24.12 35.44 -18.03
CA ALA C 23 -23.52 36.61 -18.72
C ALA C 23 -24.53 37.76 -18.72
N ASN C 24 -25.81 37.49 -18.91
CA ASN C 24 -26.89 38.51 -18.92
C ASN C 24 -26.97 39.20 -17.55
N LYS C 25 -26.72 38.48 -16.47
CA LYS C 25 -26.79 39.02 -15.09
C LYS C 25 -25.59 39.92 -14.79
N GLN C 26 -24.54 39.88 -15.60
CA GLN C 26 -23.33 40.72 -15.43
C GLN C 26 -23.65 42.11 -15.98
N ASP C 27 -22.93 43.15 -15.54
CA ASP C 27 -23.19 44.55 -15.97
C ASP C 27 -22.98 44.64 -17.47
N THR C 28 -21.99 43.94 -18.03
CA THR C 28 -21.78 43.86 -19.49
C THR C 28 -21.79 42.38 -19.87
N ASP C 29 -22.59 41.96 -20.86
CA ASP C 29 -22.70 40.56 -21.37
C ASP C 29 -21.93 40.48 -22.68
N TYR C 30 -20.77 39.85 -22.70
CA TYR C 30 -19.92 39.72 -23.89
C TYR C 30 -20.24 38.41 -24.60
N LEU C 31 -20.73 37.41 -23.87
CA LEU C 31 -20.93 36.05 -24.41
C LEU C 31 -22.02 36.01 -25.46
N THR C 32 -23.06 36.80 -25.32
CA THR C 32 -24.23 36.69 -26.21
C THR C 32 -23.84 36.96 -27.67
N ASP C 33 -23.07 38.00 -27.94
CA ASP C 33 -22.61 38.34 -29.31
C ASP C 33 -21.55 37.33 -29.75
N LEU C 34 -20.69 36.91 -28.85
CA LEU C 34 -19.54 36.03 -29.14
C LEU C 34 -19.97 34.65 -29.59
N LEU C 35 -20.95 34.03 -28.95
CA LEU C 35 -21.39 32.65 -29.28
C LEU C 35 -22.49 32.66 -30.35
N ASP C 36 -22.75 31.53 -31.01
CA ASP C 36 -23.85 31.37 -32.00
C ASP C 36 -24.97 30.63 -31.26
N ASN C 37 -26.11 31.28 -31.04
CA ASN C 37 -27.26 30.70 -30.29
C ASN C 37 -28.28 30.14 -31.28
N THR C 38 -27.97 30.12 -32.57
CA THR C 38 -28.93 29.70 -33.62
C THR C 38 -29.28 28.21 -33.54
N ASN C 39 -28.32 27.35 -33.21
CA ASN C 39 -28.54 25.88 -33.20
C ASN C 39 -28.77 25.35 -31.79
N ILE C 40 -28.96 26.21 -30.80
CA ILE C 40 -29.20 25.81 -29.38
C ILE C 40 -30.68 26.01 -29.07
N ASP C 41 -31.38 24.97 -28.64
CA ASP C 41 -32.82 25.00 -28.29
C ASP C 41 -32.98 24.35 -26.92
N LEU C 42 -33.36 25.08 -25.89
CA LEU C 42 -33.50 24.55 -24.51
C LEU C 42 -34.70 23.60 -24.49
N THR C 43 -35.65 23.77 -25.38
CA THR C 43 -36.90 22.97 -25.43
C THR C 43 -36.54 21.53 -25.71
N CYS C 44 -35.38 21.27 -26.30
CA CYS C 44 -34.87 19.89 -26.54
C CYS C 44 -34.56 19.18 -25.22
N VAL C 45 -34.29 19.91 -24.14
CA VAL C 45 -33.93 19.33 -22.80
C VAL C 45 -35.20 19.20 -21.96
N PRO C 46 -35.55 18.01 -21.42
CA PRO C 46 -36.71 17.91 -20.55
C PRO C 46 -36.55 18.73 -19.26
N ASN C 47 -37.56 19.50 -18.86
CA ASN C 47 -37.54 20.36 -17.65
C ASN C 47 -36.38 21.35 -17.74
N GLY C 48 -35.98 21.77 -18.94
CA GLY C 48 -34.79 22.60 -19.14
C GLY C 48 -34.84 23.95 -18.45
N GLN C 49 -35.96 24.65 -18.52
CA GLN C 49 -36.09 25.99 -17.90
C GLN C 49 -35.90 25.82 -16.40
N GLU C 50 -36.47 24.76 -15.84
CA GLU C 50 -36.40 24.51 -14.39
C GLU C 50 -34.98 24.15 -14.01
N ILE C 51 -34.28 23.36 -14.82
CA ILE C 51 -32.88 22.94 -14.53
C ILE C 51 -31.98 24.16 -14.56
N ILE C 52 -32.16 25.06 -15.53
CA ILE C 52 -31.29 26.26 -15.70
C ILE C 52 -31.56 27.20 -14.54
N HIS C 53 -32.81 27.46 -14.20
CA HIS C 53 -33.17 28.35 -13.08
C HIS C 53 -32.59 27.73 -11.81
N SER C 54 -32.66 26.42 -11.67
CA SER C 54 -32.11 25.68 -10.52
C SER C 54 -30.59 25.81 -10.47
N LEU C 55 -29.89 25.60 -11.56
CA LEU C 55 -28.42 25.60 -11.54
C LEU C 55 -27.99 27.00 -11.17
N LEU C 56 -28.67 28.02 -11.67
CA LEU C 56 -28.28 29.43 -11.43
C LEU C 56 -28.48 29.77 -9.96
N GLN C 57 -29.53 29.26 -9.33
CA GLN C 57 -29.78 29.48 -7.88
C GLN C 57 -28.71 28.77 -7.08
N LEU C 58 -28.32 27.57 -7.47
CA LEU C 58 -27.39 26.77 -6.67
C LEU C 58 -25.95 27.21 -6.91
N VAL C 59 -25.62 27.72 -8.09
CA VAL C 59 -24.25 28.18 -8.43
C VAL C 59 -24.03 29.49 -7.72
N GLY C 60 -25.04 30.30 -7.50
CA GLY C 60 -24.94 31.57 -6.76
C GLY C 60 -24.67 31.32 -5.30
N ASP C 61 -25.31 30.33 -4.72
CA ASP C 61 -25.08 29.96 -3.30
C ASP C 61 -23.64 29.47 -3.15
N PHE C 62 -23.14 28.66 -4.07
CA PHE C 62 -21.74 28.16 -4.04
C PHE C 62 -20.80 29.34 -4.16
N ASN C 63 -21.08 30.25 -5.07
CA ASN C 63 -20.19 31.40 -5.33
C ASN C 63 -20.15 32.23 -4.05
N GLN C 64 -21.28 32.37 -3.36
CA GLN C 64 -21.37 33.13 -2.09
C GLN C 64 -20.70 32.43 -0.91
N ARG C 65 -20.80 31.11 -0.77
CA ARG C 65 -20.29 30.38 0.43
C ARG C 65 -18.87 29.84 0.27
N PHE C 66 -18.30 29.83 -0.94
CA PHE C 66 -16.92 29.37 -1.18
C PHE C 66 -16.12 30.43 -1.93
N SER C 67 -15.07 31.00 -1.32
CA SER C 67 -14.17 31.98 -1.97
C SER C 67 -13.01 31.22 -2.58
N GLN C 68 -13.25 30.32 -3.52
CA GLN C 68 -12.18 29.47 -4.08
C GLN C 68 -11.52 30.16 -5.28
N THR C 69 -11.02 31.38 -5.11
CA THR C 69 -10.24 32.09 -6.15
C THR C 69 -8.87 31.46 -6.20
N HIS C 70 -8.49 30.74 -5.16
CA HIS C 70 -7.17 30.06 -5.10
C HIS C 70 -7.08 29.06 -6.25
N GLU C 71 -8.14 28.32 -6.52
CA GLU C 71 -8.15 27.30 -7.60
C GLU C 71 -8.19 27.94 -9.00
N ILE C 72 -8.99 28.99 -9.19
CA ILE C 72 -9.21 29.62 -10.53
C ILE C 72 -8.04 30.46 -11.05
N GLU C 73 -7.38 31.25 -10.20
CA GLU C 73 -6.35 32.24 -10.64
C GLU C 73 -5.09 31.61 -11.23
N PRO C 74 -4.51 30.51 -10.72
CA PRO C 74 -3.31 29.98 -11.34
C PRO C 74 -3.45 29.60 -12.81
N VAL C 75 -4.51 28.88 -13.18
CA VAL C 75 -4.76 28.45 -14.59
C VAL C 75 -5.04 29.69 -15.42
N ALA C 76 -5.82 30.60 -14.89
CA ALA C 76 -6.20 31.84 -15.59
C ALA C 76 -4.98 32.72 -15.82
N GLN C 77 -4.16 32.92 -14.81
CA GLN C 77 -2.97 33.80 -14.91
C GLN C 77 -1.97 33.15 -15.85
N SER C 78 -1.75 31.84 -15.75
CA SER C 78 -0.79 31.09 -16.57
C SER C 78 -1.19 31.08 -18.04
N LEU C 79 -2.48 30.91 -18.35
CA LEU C 79 -2.98 30.78 -19.74
C LEU C 79 -3.50 32.11 -20.30
N GLY C 80 -3.46 33.20 -19.52
CA GLY C 80 -3.83 34.55 -19.98
C GLY C 80 -5.24 34.70 -20.49
N ILE C 81 -6.24 34.26 -19.74
CA ILE C 81 -7.68 34.28 -20.14
C ILE C 81 -8.19 35.72 -20.14
N ASP C 82 -7.60 36.61 -19.36
CA ASP C 82 -7.99 38.04 -19.30
C ASP C 82 -7.04 38.82 -20.19
N SER C 83 -5.96 38.17 -20.59
CA SER C 83 -4.99 38.78 -21.51
C SER C 83 -5.71 38.75 -22.82
N ASP C 84 -5.21 39.56 -23.71
CA ASP C 84 -5.91 39.67 -24.98
C ASP C 84 -5.26 38.89 -26.09
N LYS C 85 -4.05 38.49 -25.84
CA LYS C 85 -3.35 37.68 -26.81
C LYS C 85 -4.08 36.35 -26.82
N PRO C 86 -3.91 35.52 -27.85
CA PRO C 86 -4.47 34.18 -27.90
C PRO C 86 -4.33 33.29 -26.66
N VAL C 87 -5.23 32.32 -26.47
CA VAL C 87 -5.21 31.36 -25.33
C VAL C 87 -4.89 29.96 -25.87
N ASP C 88 -4.08 29.18 -25.17
CA ASP C 88 -3.70 27.79 -25.58
C ASP C 88 -4.84 26.87 -25.15
N LYS C 89 -5.71 26.50 -26.08
CA LYS C 89 -6.91 25.68 -25.78
C LYS C 89 -6.47 24.29 -25.34
N THR C 90 -5.39 23.78 -25.90
CA THR C 90 -4.86 22.45 -25.56
C THR C 90 -4.51 22.46 -24.09
N ALA C 91 -3.87 23.51 -23.59
CA ALA C 91 -3.52 23.66 -22.16
C ALA C 91 -4.75 23.84 -21.30
N LEU C 92 -5.73 24.63 -21.76
CA LEU C 92 -6.96 24.92 -20.98
C LEU C 92 -7.76 23.64 -20.77
N GLU C 93 -7.90 22.79 -21.78
CA GLU C 93 -8.66 21.52 -21.66
C GLU C 93 -7.96 20.61 -20.68
N ILE C 94 -6.65 20.47 -20.77
CA ILE C 94 -5.87 19.52 -19.93
C ILE C 94 -6.02 19.96 -18.48
N PHE C 95 -5.93 21.25 -18.21
CA PHE C 95 -6.08 21.82 -16.85
C PHE C 95 -7.52 21.73 -16.34
N TYR C 96 -8.51 22.03 -17.18
CA TYR C 96 -9.95 21.99 -16.82
C TYR C 96 -10.35 20.55 -16.55
N LEU C 97 -9.90 19.63 -17.38
CA LEU C 97 -10.22 18.19 -17.21
C LEU C 97 -9.58 17.71 -15.91
N GLU C 98 -8.36 18.13 -15.61
CA GLU C 98 -7.66 17.70 -14.40
C GLU C 98 -8.34 18.30 -13.18
N ILE C 99 -8.79 19.54 -13.25
CA ILE C 99 -9.58 20.19 -12.15
C ILE C 99 -10.89 19.43 -12.03
N LEU C 100 -11.50 18.98 -13.12
CA LEU C 100 -12.77 18.20 -13.11
C LEU C 100 -12.52 16.82 -12.53
N ASN C 101 -11.43 16.16 -12.86
CA ASN C 101 -11.18 14.77 -12.44
C ASN C 101 -10.88 14.72 -10.95
N GLY C 102 -10.38 15.81 -10.36
CA GLY C 102 -10.14 15.88 -8.91
C GLY C 102 -11.39 16.30 -8.17
N LEU C 103 -12.26 17.09 -8.78
CA LEU C 103 -13.57 17.48 -8.20
C LEU C 103 -14.46 16.25 -8.14
N PHE C 104 -14.39 15.38 -9.12
CA PHE C 104 -15.32 14.22 -9.24
C PHE C 104 -14.72 12.97 -8.64
N GLU C 105 -13.83 13.11 -7.65
CA GLU C 105 -13.35 11.94 -6.88
C GLU C 105 -14.62 11.38 -6.26
N LYS C 106 -15.55 12.24 -5.85
CA LYS C 106 -16.87 11.86 -5.30
C LYS C 106 -17.95 12.35 -6.26
N LEU C 107 -18.99 11.56 -6.53
CA LEU C 107 -20.11 11.93 -7.44
C LEU C 107 -21.31 12.38 -6.61
N ASN C 108 -21.60 13.68 -6.57
CA ASN C 108 -22.75 14.27 -5.84
C ASN C 108 -23.19 15.50 -6.63
N TRP C 109 -24.39 16.02 -6.40
CA TRP C 109 -24.94 17.18 -7.12
C TRP C 109 -24.12 18.44 -6.84
N GLY C 110 -23.64 18.64 -5.62
CA GLY C 110 -22.84 19.81 -5.23
C GLY C 110 -21.57 19.90 -6.03
N ARG C 111 -20.96 18.77 -6.32
CA ARG C 111 -19.76 18.72 -7.17
C ARG C 111 -20.13 19.19 -8.57
N ILE C 112 -21.26 18.75 -9.10
CA ILE C 112 -21.73 19.13 -10.47
C ILE C 112 -21.96 20.63 -10.48
N VAL C 113 -22.54 21.18 -9.43
CA VAL C 113 -22.81 22.64 -9.35
C VAL C 113 -21.47 23.31 -9.43
N ALA C 114 -20.45 22.76 -8.79
CA ALA C 114 -19.09 23.32 -8.77
C ALA C 114 -18.47 23.28 -10.16
N MET C 115 -18.70 22.24 -10.94
CA MET C 115 -18.19 22.17 -12.33
C MET C 115 -18.78 23.34 -13.11
N PHE C 116 -20.07 23.61 -12.95
CA PHE C 116 -20.76 24.71 -13.67
C PHE C 116 -20.21 26.03 -13.17
N ALA C 117 -19.94 26.14 -11.89
CA ALA C 117 -19.41 27.38 -11.29
C ALA C 117 -18.03 27.69 -11.86
N PHE C 118 -17.16 26.69 -12.03
CA PHE C 118 -15.80 26.88 -12.60
C PHE C 118 -15.94 27.29 -14.06
N LEU C 119 -16.81 26.62 -14.80
CA LEU C 119 -17.05 26.90 -16.24
C LEU C 119 -17.61 28.32 -16.36
N ARG C 120 -18.42 28.77 -15.42
CA ARG C 120 -18.99 30.13 -15.44
C ARG C 120 -17.87 31.15 -15.27
N ILE C 121 -16.96 30.98 -14.32
CA ILE C 121 -15.89 31.99 -14.05
C ILE C 121 -14.92 31.98 -15.22
N LEU C 122 -14.60 30.82 -15.76
CA LEU C 122 -13.61 30.71 -16.85
C LEU C 122 -14.18 31.32 -18.11
N VAL C 123 -15.39 30.94 -18.52
CA VAL C 123 -16.03 31.40 -19.78
C VAL C 123 -16.30 32.90 -19.76
N LEU C 124 -16.80 33.44 -18.66
CA LEU C 124 -17.15 34.87 -18.58
C LEU C 124 -15.88 35.71 -18.66
N ARG C 125 -14.82 35.33 -17.98
CA ARG C 125 -13.53 36.04 -18.04
C ARG C 125 -12.99 35.92 -19.45
N LEU C 126 -13.12 34.75 -20.07
CA LEU C 126 -12.66 34.51 -21.46
C LEU C 126 -13.47 35.39 -22.39
N SER C 127 -14.75 35.63 -22.12
CA SER C 127 -15.68 36.43 -22.96
C SER C 127 -15.31 37.91 -23.04
N LYS C 128 -14.69 38.50 -22.03
CA LYS C 128 -14.41 39.95 -22.00
C LYS C 128 -13.59 40.26 -23.23
N HIS C 129 -12.71 39.36 -23.62
CA HIS C 129 -11.93 39.42 -24.87
C HIS C 129 -12.62 38.37 -25.73
N GLY C 130 -12.50 38.39 -27.04
CA GLY C 130 -13.30 37.48 -27.87
C GLY C 130 -12.71 36.11 -27.99
N HIS C 131 -12.65 35.37 -26.91
CA HIS C 131 -12.08 34.01 -26.89
C HIS C 131 -13.19 33.00 -27.18
N SER C 132 -13.79 33.05 -28.36
CA SER C 132 -14.91 32.17 -28.74
C SER C 132 -14.48 30.72 -28.83
N ASP C 133 -13.37 30.45 -29.48
CA ASP C 133 -12.94 29.07 -29.75
C ASP C 133 -12.70 28.34 -28.43
N ALA C 134 -12.08 28.99 -27.45
CA ALA C 134 -11.79 28.37 -26.14
C ALA C 134 -13.08 28.12 -25.36
N ILE C 135 -14.02 29.05 -25.37
CA ILE C 135 -15.31 28.93 -24.62
C ILE C 135 -16.08 27.77 -25.22
N GLN C 136 -16.08 27.68 -26.53
CA GLN C 136 -16.79 26.60 -27.24
C GLN C 136 -16.14 25.28 -26.87
N MET C 137 -14.82 25.22 -26.82
CA MET C 137 -14.09 23.98 -26.49
C MET C 137 -14.46 23.59 -25.08
N LEU C 138 -14.57 24.55 -24.17
CA LEU C 138 -14.86 24.25 -22.76
C LEU C 138 -16.24 23.60 -22.67
N ILE C 139 -17.22 24.05 -23.45
CA ILE C 139 -18.59 23.46 -23.49
C ILE C 139 -18.55 22.04 -24.07
N LYS C 140 -17.80 21.79 -25.14
CA LYS C 140 -17.69 20.45 -25.76
C LYS C 140 -17.03 19.50 -24.78
N THR C 141 -15.97 19.93 -24.10
CA THR C 141 -15.23 19.10 -23.13
C THR C 141 -16.12 18.73 -21.97
N THR C 142 -16.90 19.67 -21.44
CA THR C 142 -17.80 19.45 -20.28
C THR C 142 -18.86 18.44 -20.68
N SER C 143 -19.43 18.60 -21.86
CA SER C 143 -20.49 17.70 -22.36
C SER C 143 -19.92 16.30 -22.58
N GLN C 144 -18.76 16.19 -23.19
CA GLN C 144 -18.10 14.88 -23.42
C GLN C 144 -17.73 14.24 -22.10
N TYR C 145 -17.21 15.02 -21.15
CA TYR C 145 -16.81 14.52 -19.81
C TYR C 145 -18.05 14.03 -19.09
N SER C 146 -19.15 14.77 -19.20
CA SER C 146 -20.40 14.42 -18.52
C SER C 146 -20.94 13.11 -19.07
N ASP C 147 -20.87 12.91 -20.37
CA ASP C 147 -21.39 11.69 -21.02
C ASP C 147 -20.57 10.51 -20.54
N GLU C 148 -19.25 10.66 -20.50
CA GLU C 148 -18.31 9.57 -20.13
C GLU C 148 -18.28 9.24 -18.65
N LYS C 149 -18.33 10.21 -17.75
CA LYS C 149 -18.11 9.96 -16.29
C LYS C 149 -19.30 10.25 -15.39
N LEU C 150 -20.22 11.12 -15.78
CA LEU C 150 -21.33 11.54 -14.89
C LEU C 150 -22.69 11.05 -15.39
N LYS C 151 -22.79 10.45 -16.57
CA LYS C 151 -24.09 10.08 -17.16
C LYS C 151 -24.84 9.08 -16.29
N ASN C 152 -24.16 8.05 -15.81
CA ASN C 152 -24.83 6.99 -15.04
C ASN C 152 -25.34 7.60 -13.75
N TRP C 153 -24.52 8.36 -13.05
CA TRP C 153 -24.93 8.89 -11.73
C TRP C 153 -26.11 9.82 -11.93
N ILE C 154 -26.09 10.62 -12.99
CA ILE C 154 -27.18 11.59 -13.29
C ILE C 154 -28.45 10.84 -13.68
N ASN C 155 -28.36 9.79 -14.49
CA ASN C 155 -29.54 9.05 -14.96
C ASN C 155 -30.09 8.17 -13.83
N LEU C 156 -29.33 7.97 -12.74
CA LEU C 156 -29.77 7.18 -11.56
C LEU C 156 -30.22 8.13 -10.46
N HIS C 157 -30.26 9.43 -10.73
CA HIS C 157 -30.70 10.48 -9.76
C HIS C 157 -31.73 11.37 -10.45
N ASP C 158 -32.68 10.80 -11.18
CA ASP C 158 -33.82 11.52 -11.82
C ASP C 158 -33.35 12.38 -12.99
N GLY C 159 -32.14 12.16 -13.50
CA GLY C 159 -31.59 12.92 -14.62
C GLY C 159 -31.15 14.29 -14.23
N TRP C 160 -30.94 15.19 -15.18
CA TRP C 160 -30.58 16.60 -14.92
C TRP C 160 -31.72 17.23 -14.14
N SER C 161 -32.93 16.73 -14.31
CA SER C 161 -34.14 17.23 -13.63
C SER C 161 -34.01 17.01 -12.13
N GLY C 162 -33.04 16.22 -11.68
CA GLY C 162 -32.75 16.00 -10.26
C GLY C 162 -32.38 17.27 -9.53
N LEU C 163 -31.72 18.19 -10.21
CA LEU C 163 -31.28 19.47 -9.60
C LEU C 163 -32.49 20.24 -9.10
N ILE C 164 -33.66 20.08 -9.70
CA ILE C 164 -34.84 20.92 -9.36
C ILE C 164 -35.25 20.70 -7.90
N GLU C 165 -35.12 19.51 -7.35
CA GLU C 165 -35.51 19.19 -5.95
C GLU C 165 -34.35 19.48 -4.98
N PHE C 166 -33.10 19.35 -5.41
CA PHE C 166 -31.92 19.72 -4.61
C PHE C 166 -31.99 21.21 -4.32
N SER C 167 -32.48 22.01 -5.27
CA SER C 167 -32.65 23.47 -5.13
C SER C 167 -33.83 23.77 -4.22
N GLY C 168 -34.90 22.99 -4.33
CA GLY C 168 -36.11 23.15 -3.49
C GLY C 168 -37.29 23.73 -4.26
N ARG C 169 -37.19 23.83 -5.58
CA ARG C 169 -38.29 24.34 -6.44
C ARG C 169 -39.52 23.45 -6.24
N ALA D 5 24.67 39.03 3.06
CA ALA D 5 24.71 38.45 1.71
C ALA D 5 23.78 39.20 0.75
N ASP D 6 23.91 38.96 -0.55
CA ASP D 6 23.11 39.62 -1.61
C ASP D 6 21.65 39.23 -1.40
N PHE D 7 20.72 40.08 -1.77
CA PHE D 7 19.27 39.82 -1.56
C PHE D 7 18.89 38.58 -2.33
N ARG D 8 19.40 38.42 -3.54
CA ARG D 8 19.10 37.25 -4.39
C ARG D 8 19.63 36.00 -3.71
N LEU D 9 20.84 36.01 -3.19
CA LEU D 9 21.44 34.87 -2.45
C LEU D 9 20.65 34.59 -1.18
N GLN D 10 20.25 35.65 -0.50
CA GLN D 10 19.50 35.52 0.76
C GLN D 10 18.16 34.85 0.42
N THR D 11 17.50 35.24 -0.66
CA THR D 11 16.18 34.69 -1.07
C THR D 11 16.33 33.24 -1.47
N SER D 12 17.37 32.91 -2.21
CA SER D 12 17.65 31.54 -2.66
C SER D 12 17.90 30.66 -1.44
N THR D 13 18.70 31.14 -0.49
CA THR D 13 19.04 30.38 0.73
C THR D 13 17.76 30.16 1.51
N LEU D 14 16.93 31.18 1.68
CA LEU D 14 15.68 31.08 2.46
C LEU D 14 14.73 30.11 1.75
N CYS D 15 14.65 30.18 0.43
CA CYS D 15 13.76 29.31 -0.38
C CYS D 15 14.20 27.87 -0.21
N HIS D 16 15.49 27.62 -0.28
CA HIS D 16 16.03 26.25 -0.23
C HIS D 16 15.73 25.65 1.14
N SER D 17 15.96 26.39 2.21
CA SER D 17 15.75 25.91 3.59
C SER D 17 14.26 25.70 3.84
N PHE D 18 13.42 26.60 3.38
CA PHE D 18 11.95 26.54 3.59
C PHE D 18 11.42 25.29 2.93
N LEU D 19 11.86 25.02 1.72
CA LEU D 19 11.38 23.85 0.95
C LEU D 19 11.84 22.55 1.62
N LEU D 20 13.10 22.45 2.04
CA LEU D 20 13.66 21.22 2.67
C LEU D 20 12.99 20.99 4.01
N ALA D 21 12.71 22.04 4.75
CA ALA D 21 12.03 21.97 6.06
C ALA D 21 10.58 21.52 5.93
N SER D 22 9.84 22.05 4.96
CA SER D 22 8.43 21.69 4.70
C SER D 22 8.39 20.25 4.19
N ALA D 23 9.42 19.83 3.47
CA ALA D 23 9.53 18.46 2.93
C ALA D 23 9.63 17.43 4.06
N ASN D 24 10.39 17.72 5.10
CA ASN D 24 10.56 16.81 6.26
C ASN D 24 9.22 16.58 6.92
N LYS D 25 8.37 17.60 6.98
CA LYS D 25 7.06 17.53 7.66
C LYS D 25 6.18 16.49 6.95
N GLN D 26 6.42 16.26 5.67
CA GLN D 26 5.65 15.28 4.87
C GLN D 26 6.05 13.88 5.33
N ASP D 27 5.18 12.88 5.16
CA ASP D 27 5.44 11.50 5.63
C ASP D 27 6.65 10.94 4.90
N THR D 28 6.82 11.20 3.60
CA THR D 28 8.02 10.79 2.82
C THR D 28 8.69 12.03 2.21
N ASP D 29 10.00 12.24 2.40
CA ASP D 29 10.75 13.42 1.92
C ASP D 29 11.69 13.02 0.79
N TYR D 30 11.52 13.58 -0.41
CA TYR D 30 12.36 13.30 -1.59
C TYR D 30 13.33 14.45 -1.88
N LEU D 31 13.06 15.66 -1.40
CA LEU D 31 13.88 16.85 -1.74
C LEU D 31 15.28 16.74 -1.18
N THR D 32 15.45 16.25 0.05
CA THR D 32 16.76 16.28 0.73
C THR D 32 17.75 15.52 -0.14
N ASP D 33 17.34 14.39 -0.69
CA ASP D 33 18.21 13.56 -1.55
C ASP D 33 18.40 14.18 -2.94
N LEU D 34 17.33 14.60 -3.63
CA LEU D 34 17.45 15.11 -5.04
C LEU D 34 18.14 16.45 -5.10
N LEU D 35 17.83 17.40 -4.19
CA LEU D 35 18.36 18.78 -4.26
C LEU D 35 19.79 18.80 -3.70
N ASP D 36 20.66 19.70 -4.18
CA ASP D 36 22.05 19.83 -3.70
C ASP D 36 22.05 20.79 -2.52
N ASN D 37 22.36 20.32 -1.32
CA ASN D 37 22.26 21.14 -0.09
C ASN D 37 23.64 21.64 0.35
N THR D 38 24.72 21.36 -0.36
CA THR D 38 26.10 21.70 0.06
C THR D 38 26.37 23.20 0.13
N ASN D 39 25.81 24.03 -0.76
CA ASN D 39 26.12 25.48 -0.84
C ASN D 39 25.09 26.32 -0.08
N ILE D 40 24.22 25.73 0.73
CA ILE D 40 23.12 26.47 1.42
C ILE D 40 23.49 26.72 2.89
N ASP D 41 23.78 27.97 3.26
CA ASP D 41 24.13 28.37 4.65
C ASP D 41 23.13 29.41 5.13
N LEU D 42 22.21 29.04 6.02
CA LEU D 42 21.17 29.96 6.52
C LEU D 42 21.84 30.98 7.41
N THR D 43 23.03 30.68 7.90
CA THR D 43 23.76 31.55 8.85
C THR D 43 24.18 32.82 8.10
N CYS D 44 24.23 32.80 6.77
CA CYS D 44 24.59 33.97 5.93
C CYS D 44 23.38 34.88 5.73
N VAL D 45 22.20 34.49 6.19
CA VAL D 45 20.96 35.31 6.11
C VAL D 45 20.78 35.93 7.49
N PRO D 46 20.62 37.26 7.66
CA PRO D 46 20.33 37.81 8.96
C PRO D 46 19.04 37.26 9.56
N ASN D 47 19.06 36.76 10.79
CA ASN D 47 17.87 36.21 11.51
C ASN D 47 17.25 35.09 10.68
N GLY D 48 18.04 34.27 9.99
CA GLY D 48 17.55 33.25 9.05
C GLY D 48 16.69 32.16 9.63
N GLN D 49 17.05 31.62 10.78
CA GLN D 49 16.29 30.54 11.43
C GLN D 49 14.91 31.05 11.77
N GLU D 50 14.82 32.24 12.33
CA GLU D 50 13.52 32.82 12.75
C GLU D 50 12.65 33.07 11.52
N ILE D 51 13.22 33.54 10.43
CA ILE D 51 12.46 33.88 9.19
C ILE D 51 11.88 32.59 8.65
N ILE D 52 12.64 31.50 8.63
CA ILE D 52 12.19 30.21 8.05
C ILE D 52 11.04 29.68 8.89
N HIS D 53 11.16 29.75 10.20
CA HIS D 53 10.11 29.26 11.12
C HIS D 53 8.84 30.07 10.93
N SER D 54 8.95 31.38 10.83
CA SER D 54 7.78 32.27 10.67
C SER D 54 7.14 32.05 9.30
N LEU D 55 7.94 31.89 8.26
CA LEU D 55 7.42 31.69 6.89
C LEU D 55 6.65 30.37 6.89
N LEU D 56 7.18 29.34 7.54
CA LEU D 56 6.56 28.00 7.56
C LEU D 56 5.21 28.12 8.27
N GLN D 57 5.15 28.84 9.37
CA GLN D 57 3.88 29.03 10.14
C GLN D 57 2.89 29.80 9.29
N LEU D 58 3.33 30.87 8.65
CA LEU D 58 2.43 31.75 7.85
C LEU D 58 1.93 31.00 6.62
N VAL D 59 2.78 30.18 6.01
CA VAL D 59 2.41 29.39 4.79
C VAL D 59 1.30 28.44 5.18
N GLY D 60 1.37 27.81 6.34
CA GLY D 60 0.31 26.93 6.86
C GLY D 60 -0.98 27.68 7.13
N ASP D 61 -0.89 28.89 7.64
CA ASP D 61 -2.08 29.75 7.90
C ASP D 61 -2.76 30.04 6.56
N PHE D 62 -2.00 30.30 5.49
CA PHE D 62 -2.56 30.46 4.13
C PHE D 62 -3.14 29.13 3.65
N ASN D 63 -2.39 28.03 3.81
CA ASN D 63 -2.78 26.70 3.28
C ASN D 63 -4.00 26.13 3.99
N GLN D 64 -4.39 26.65 5.15
CA GLN D 64 -5.58 26.19 5.87
C GLN D 64 -6.78 27.04 5.50
N ARG D 65 -6.66 28.37 5.50
CA ARG D 65 -7.78 29.29 5.20
C ARG D 65 -8.21 29.02 3.77
N PHE D 66 -7.25 28.83 2.85
CA PHE D 66 -7.53 28.51 1.41
C PHE D 66 -7.29 27.03 1.15
N SER D 67 -8.18 26.35 0.41
CA SER D 67 -8.05 24.91 0.05
C SER D 67 -8.18 24.02 1.28
N GLN D 68 -8.85 24.47 2.34
CA GLN D 68 -9.06 23.69 3.58
C GLN D 68 -10.06 24.42 4.49
N SER D 78 -4.01 20.91 -11.68
CA SER D 78 -2.56 20.58 -11.67
C SER D 78 -1.96 20.87 -13.05
N LEU D 79 -0.67 21.19 -13.12
CA LEU D 79 0.04 21.54 -14.39
C LEU D 79 0.72 20.28 -14.94
N GLY D 80 0.30 19.10 -14.50
CA GLY D 80 0.85 17.82 -14.98
C GLY D 80 2.25 17.54 -14.47
N ILE D 81 2.61 18.10 -13.33
CA ILE D 81 3.96 17.94 -12.71
C ILE D 81 3.98 16.80 -11.68
N ASP D 82 2.87 16.09 -11.41
CA ASP D 82 2.79 15.06 -10.34
C ASP D 82 2.96 13.63 -10.90
N SER D 83 3.65 13.45 -12.03
CA SER D 83 3.88 12.12 -12.68
C SER D 83 5.35 11.93 -13.02
N ASP D 84 5.79 10.69 -13.25
CA ASP D 84 7.22 10.34 -13.54
C ASP D 84 7.72 10.99 -14.81
N LYS D 85 6.83 11.33 -15.74
CA LYS D 85 7.24 11.82 -17.07
C LYS D 85 8.04 13.12 -16.98
N PRO D 86 8.95 13.39 -17.95
CA PRO D 86 9.76 14.58 -17.92
C PRO D 86 8.89 15.84 -18.01
N VAL D 87 9.38 17.01 -17.57
CA VAL D 87 8.58 18.27 -17.50
C VAL D 87 9.18 19.33 -18.43
N ASP D 88 8.37 20.22 -19.02
CA ASP D 88 8.87 21.34 -19.86
C ASP D 88 9.19 22.48 -18.92
N LYS D 89 10.44 22.66 -18.54
CA LYS D 89 10.85 23.68 -17.53
C LYS D 89 10.58 25.07 -18.11
N THR D 90 10.78 25.25 -19.39
CA THR D 90 10.60 26.58 -20.04
C THR D 90 9.15 26.98 -19.81
N ALA D 91 8.22 26.05 -19.87
CA ALA D 91 6.79 26.32 -19.72
C ALA D 91 6.43 26.55 -18.27
N LEU D 92 7.04 25.80 -17.37
CA LEU D 92 6.79 25.97 -15.91
C LEU D 92 7.27 27.35 -15.51
N GLU D 93 8.40 27.81 -16.05
CA GLU D 93 8.94 29.15 -15.74
C GLU D 93 7.95 30.20 -16.24
N ILE D 94 7.46 30.05 -17.47
CA ILE D 94 6.54 31.04 -18.08
C ILE D 94 5.27 31.05 -17.23
N PHE D 95 4.79 29.89 -16.84
CA PHE D 95 3.54 29.78 -16.05
C PHE D 95 3.72 30.41 -14.68
N TYR D 96 4.80 30.12 -13.98
CA TYR D 96 5.05 30.62 -12.61
C TYR D 96 5.19 32.13 -12.65
N LEU D 97 5.93 32.66 -13.61
CA LEU D 97 6.21 34.10 -13.69
C LEU D 97 4.91 34.85 -13.97
N GLU D 98 4.03 34.35 -14.83
CA GLU D 98 2.71 34.95 -15.13
C GLU D 98 1.82 34.87 -13.90
N ILE D 99 1.86 33.76 -13.17
CA ILE D 99 1.06 33.56 -11.94
C ILE D 99 1.61 34.50 -10.87
N LEU D 100 2.92 34.68 -10.77
CA LEU D 100 3.54 35.63 -9.82
C LEU D 100 3.19 37.07 -10.18
N ASN D 101 3.15 37.43 -11.45
CA ASN D 101 2.81 38.80 -11.91
C ASN D 101 1.38 39.10 -11.49
N GLY D 102 0.49 38.12 -11.55
CA GLY D 102 -0.90 38.28 -11.10
C GLY D 102 -1.00 38.38 -9.60
N LEU D 103 -0.20 37.60 -8.88
CA LEU D 103 -0.19 37.59 -7.39
C LEU D 103 0.29 38.93 -6.88
N PHE D 104 1.26 39.54 -7.53
CA PHE D 104 1.93 40.77 -7.01
C PHE D 104 1.34 42.03 -7.63
N GLU D 105 0.09 41.99 -8.07
CA GLU D 105 -0.63 43.21 -8.49
C GLU D 105 -0.68 44.07 -7.24
N LYS D 106 -0.86 43.47 -6.06
CA LYS D 106 -0.78 44.18 -4.76
C LYS D 106 0.46 43.65 -4.04
N LEU D 107 1.24 44.51 -3.38
CA LEU D 107 2.45 44.11 -2.62
C LEU D 107 2.15 44.15 -1.13
N ASN D 108 2.17 43.01 -0.47
CA ASN D 108 1.90 42.88 0.97
C ASN D 108 2.63 41.62 1.39
N TRP D 109 2.80 41.39 2.68
CA TRP D 109 3.49 40.20 3.21
C TRP D 109 2.73 38.94 2.83
N GLY D 110 1.41 38.98 2.82
CA GLY D 110 0.58 37.80 2.54
C GLY D 110 0.77 37.25 1.15
N ARG D 111 0.88 38.11 0.16
CA ARG D 111 1.11 37.70 -1.25
C ARG D 111 2.50 37.07 -1.34
N ILE D 112 3.48 37.59 -0.62
CA ILE D 112 4.84 36.99 -0.57
C ILE D 112 4.70 35.60 0.03
N VAL D 113 3.93 35.47 1.10
CA VAL D 113 3.73 34.17 1.82
C VAL D 113 3.05 33.23 0.83
N ALA D 114 2.11 33.71 0.03
CA ALA D 114 1.38 32.91 -0.96
C ALA D 114 2.34 32.36 -2.01
N MET D 115 3.31 33.17 -2.43
CA MET D 115 4.33 32.76 -3.43
C MET D 115 5.07 31.56 -2.89
N PHE D 116 5.42 31.56 -1.62
CA PHE D 116 6.23 30.49 -1.00
C PHE D 116 5.31 29.29 -0.83
N ALA D 117 4.03 29.49 -0.62
CA ALA D 117 3.02 28.42 -0.51
C ALA D 117 2.87 27.73 -1.85
N PHE D 118 2.82 28.47 -2.95
CA PHE D 118 2.68 27.90 -4.30
C PHE D 118 3.98 27.19 -4.68
N LEU D 119 5.13 27.75 -4.36
CA LEU D 119 6.45 27.15 -4.68
C LEU D 119 6.57 25.84 -3.91
N ARG D 120 6.05 25.80 -2.68
CA ARG D 120 6.08 24.58 -1.86
C ARG D 120 5.29 23.51 -2.57
N ILE D 121 4.10 23.80 -3.05
CA ILE D 121 3.23 22.75 -3.66
C ILE D 121 3.91 22.21 -4.90
N LEU D 122 4.40 23.08 -5.78
CA LEU D 122 4.99 22.65 -7.07
C LEU D 122 6.27 21.85 -6.83
N VAL D 123 7.15 22.30 -5.96
CA VAL D 123 8.47 21.65 -5.72
C VAL D 123 8.22 20.29 -5.08
N LEU D 124 7.28 20.19 -4.16
CA LEU D 124 6.97 18.92 -3.47
C LEU D 124 6.33 17.94 -4.44
N ARG D 125 5.43 18.38 -5.31
CA ARG D 125 4.83 17.47 -6.33
C ARG D 125 5.92 17.05 -7.29
N LEU D 126 6.82 17.95 -7.65
CA LEU D 126 7.95 17.67 -8.58
C LEU D 126 8.86 16.63 -7.92
N SER D 127 9.00 16.65 -6.59
CA SER D 127 9.91 15.77 -5.81
C SER D 127 9.48 14.32 -5.81
N LYS D 128 8.21 14.04 -5.95
CA LYS D 128 7.68 12.66 -5.92
C LYS D 128 8.44 11.92 -6.99
N HIS D 129 8.77 12.60 -8.08
CA HIS D 129 9.60 12.08 -9.18
C HIS D 129 10.89 12.88 -9.09
N GLY D 130 11.96 12.54 -9.78
CA GLY D 130 13.24 13.24 -9.59
C GLY D 130 13.43 14.46 -10.46
N HIS D 131 12.55 15.45 -10.39
CA HIS D 131 12.62 16.67 -11.25
C HIS D 131 13.47 17.73 -10.58
N SER D 132 14.74 17.44 -10.35
CA SER D 132 15.67 18.36 -9.68
C SER D 132 15.87 19.60 -10.52
N ASP D 133 15.92 19.48 -11.83
CA ASP D 133 16.22 20.61 -12.74
C ASP D 133 15.15 21.69 -12.63
N ALA D 134 13.88 21.31 -12.65
CA ALA D 134 12.76 22.25 -12.53
C ALA D 134 12.78 22.91 -11.17
N ILE D 135 13.02 22.16 -10.11
CA ILE D 135 12.94 22.70 -8.72
C ILE D 135 14.00 23.80 -8.60
N GLN D 136 15.18 23.57 -9.14
CA GLN D 136 16.29 24.53 -9.06
C GLN D 136 15.92 25.77 -9.84
N MET D 137 15.26 25.60 -10.98
CA MET D 137 14.81 26.75 -11.80
C MET D 137 13.81 27.58 -10.99
N LEU D 138 12.87 26.95 -10.32
CA LEU D 138 11.81 27.67 -9.60
C LEU D 138 12.44 28.47 -8.47
N ILE D 139 13.43 27.92 -7.79
CA ILE D 139 14.15 28.62 -6.69
C ILE D 139 14.94 29.78 -7.28
N LYS D 140 15.60 29.59 -8.41
CA LYS D 140 16.36 30.67 -9.11
C LYS D 140 15.37 31.72 -9.61
N THR D 141 14.24 31.31 -10.16
CA THR D 141 13.21 32.23 -10.72
C THR D 141 12.62 33.05 -9.58
N THR D 142 12.34 32.44 -8.44
CA THR D 142 11.77 33.13 -7.26
C THR D 142 12.78 34.17 -6.81
N SER D 143 14.06 33.84 -6.76
CA SER D 143 15.15 34.73 -6.31
C SER D 143 15.37 35.91 -7.26
N GLN D 144 15.38 35.67 -8.57
CA GLN D 144 15.53 36.75 -9.58
C GLN D 144 14.32 37.67 -9.56
N TYR D 145 13.12 37.11 -9.50
CA TYR D 145 11.86 37.90 -9.49
C TYR D 145 11.82 38.75 -8.24
N SER D 146 12.19 38.19 -7.09
CA SER D 146 12.17 38.90 -5.80
C SER D 146 13.21 40.04 -5.82
N ASP D 147 14.37 39.84 -6.43
CA ASP D 147 15.43 40.87 -6.53
C ASP D 147 14.97 42.00 -7.45
N GLU D 148 14.06 41.73 -8.37
CA GLU D 148 13.61 42.71 -9.37
C GLU D 148 12.34 43.45 -8.96
N LYS D 149 11.33 42.78 -8.42
CA LYS D 149 10.01 43.41 -8.16
C LYS D 149 9.61 43.51 -6.69
N LEU D 150 10.25 42.79 -5.78
CA LEU D 150 9.83 42.76 -4.35
C LEU D 150 10.87 43.34 -3.41
N LYS D 151 12.12 43.58 -3.82
CA LYS D 151 13.22 43.99 -2.89
C LYS D 151 12.96 45.35 -2.23
N ASN D 152 12.47 46.34 -2.95
CA ASN D 152 12.23 47.69 -2.38
C ASN D 152 11.12 47.59 -1.34
N TRP D 153 10.05 46.88 -1.64
CA TRP D 153 8.95 46.70 -0.68
C TRP D 153 9.46 45.94 0.55
N ILE D 154 10.26 44.90 0.36
CA ILE D 154 10.79 44.05 1.47
C ILE D 154 11.79 44.85 2.31
N ASN D 155 12.64 45.67 1.70
CA ASN D 155 13.69 46.45 2.40
C ASN D 155 13.10 47.70 3.03
N LEU D 156 11.84 48.05 2.75
CA LEU D 156 11.12 49.17 3.41
C LEU D 156 10.19 48.58 4.49
N HIS D 157 10.23 47.27 4.74
CA HIS D 157 9.39 46.54 5.72
C HIS D 157 10.27 45.65 6.59
N ASP D 158 11.45 46.11 7.01
CA ASP D 158 12.37 45.44 7.96
C ASP D 158 13.09 44.25 7.31
N GLY D 159 13.03 44.13 5.99
CA GLY D 159 13.71 43.05 5.27
C GLY D 159 12.94 41.76 5.29
N TRP D 160 13.59 40.63 5.04
CA TRP D 160 12.98 39.29 5.15
C TRP D 160 12.70 39.07 6.61
N SER D 161 13.34 39.82 7.49
CA SER D 161 13.18 39.70 8.96
C SER D 161 11.84 40.28 9.39
N GLY D 162 11.13 40.95 8.50
CA GLY D 162 9.80 41.53 8.77
C GLY D 162 8.76 40.47 9.00
N LEU D 163 8.96 39.29 8.44
CA LEU D 163 8.04 38.15 8.61
C LEU D 163 7.99 37.77 10.08
N ILE D 164 9.08 37.90 10.82
CA ILE D 164 9.15 37.42 12.22
C ILE D 164 8.12 38.17 13.07
N GLU D 165 8.05 39.49 12.98
CA GLU D 165 7.11 40.32 13.77
C GLU D 165 5.69 40.15 13.22
N PHE D 166 5.55 39.99 11.90
CA PHE D 166 4.25 39.82 11.22
C PHE D 166 3.65 38.50 11.70
N SER D 167 4.49 37.48 11.90
CA SER D 167 4.04 36.16 12.38
C SER D 167 3.64 36.26 13.83
N GLY D 168 4.20 37.19 14.60
CA GLY D 168 3.89 37.34 16.04
C GLY D 168 4.86 36.62 16.94
N ARG D 169 5.94 36.06 16.39
CA ARG D 169 6.97 35.31 17.14
C ARG D 169 8.12 36.26 17.46
N ALA E 5 35.18 28.63 8.35
CA ALA E 5 34.29 28.22 9.46
C ALA E 5 33.03 27.61 8.87
N ASP E 6 33.12 26.98 7.70
CA ASP E 6 31.95 26.42 6.98
C ASP E 6 31.44 25.23 7.78
N PHE E 7 30.19 24.82 7.63
CA PHE E 7 29.58 23.71 8.38
C PHE E 7 30.41 22.43 8.24
N ARG E 8 30.92 22.04 7.08
CA ARG E 8 31.65 20.77 6.90
C ARG E 8 32.96 20.81 7.68
N LEU E 9 33.67 21.93 7.72
CA LEU E 9 34.92 22.12 8.51
C LEU E 9 34.59 22.14 10.00
N GLN E 10 33.45 22.71 10.37
CA GLN E 10 33.06 22.86 11.78
C GLN E 10 32.68 21.48 12.34
N THR E 11 32.08 20.60 11.52
CA THR E 11 31.70 19.22 11.91
C THR E 11 32.92 18.33 12.05
N SER E 12 33.88 18.43 11.14
CA SER E 12 35.11 17.61 11.18
C SER E 12 35.88 17.96 12.43
N THR E 13 36.02 19.24 12.71
CA THR E 13 36.80 19.71 13.87
C THR E 13 36.11 19.17 15.12
N LEU E 14 34.79 19.23 15.16
CA LEU E 14 34.01 18.74 16.32
C LEU E 14 34.20 17.22 16.44
N CYS E 15 34.24 16.50 15.33
CA CYS E 15 34.37 15.03 15.36
C CYS E 15 35.71 14.66 15.97
N HIS E 16 36.81 15.26 15.52
CA HIS E 16 38.17 14.96 16.02
C HIS E 16 38.25 15.29 17.50
N SER E 17 37.76 16.45 17.91
CA SER E 17 37.88 16.90 19.32
C SER E 17 37.09 15.94 20.22
N PHE E 18 35.89 15.54 19.82
CA PHE E 18 35.04 14.59 20.58
C PHE E 18 35.71 13.24 20.63
N LEU E 19 36.22 12.76 19.50
CA LEU E 19 36.83 11.42 19.41
C LEU E 19 38.11 11.35 20.24
N LEU E 20 38.97 12.35 20.15
CA LEU E 20 40.25 12.38 20.90
C LEU E 20 39.93 12.52 22.37
N ALA E 21 38.96 13.35 22.72
CA ALA E 21 38.59 13.58 24.12
C ALA E 21 38.04 12.29 24.70
N SER E 22 37.27 11.55 23.93
CA SER E 22 36.69 10.27 24.38
C SER E 22 37.81 9.28 24.65
N ALA E 23 38.80 9.23 23.76
CA ALA E 23 39.93 8.30 23.87
C ALA E 23 40.74 8.60 25.13
N ASN E 24 40.92 9.87 25.50
CA ASN E 24 41.79 10.26 26.64
C ASN E 24 41.19 9.79 27.96
N LYS E 25 39.88 9.87 28.10
CA LYS E 25 39.17 9.46 29.34
C LYS E 25 39.37 7.95 29.53
N GLN E 26 39.51 7.17 28.44
CA GLN E 26 39.79 5.71 28.51
C GLN E 26 41.20 5.51 29.07
N ASP E 27 41.43 4.45 29.84
CA ASP E 27 42.74 4.20 30.48
C ASP E 27 43.80 4.05 29.41
N THR E 28 43.51 3.34 28.32
CA THR E 28 44.42 3.19 27.16
C THR E 28 43.91 4.10 26.03
N ASP E 29 44.67 5.14 25.64
CA ASP E 29 44.33 6.06 24.52
C ASP E 29 45.34 5.85 23.40
N TYR E 30 44.90 5.39 22.24
CA TYR E 30 45.77 5.18 21.05
C TYR E 30 45.54 6.27 20.02
N LEU E 31 44.36 6.88 19.99
CA LEU E 31 44.00 7.86 18.93
C LEU E 31 44.92 9.07 19.03
N THR E 32 45.35 9.44 20.23
CA THR E 32 46.13 10.67 20.44
C THR E 32 47.36 10.61 19.56
N ASP E 33 48.01 9.46 19.46
CA ASP E 33 49.25 9.31 18.68
C ASP E 33 48.92 8.85 17.26
N LEU E 34 47.66 8.58 16.94
CA LEU E 34 47.22 8.05 15.62
C LEU E 34 46.56 9.12 14.75
N LEU E 35 46.16 10.26 15.31
CA LEU E 35 45.46 11.34 14.55
C LEU E 35 46.21 12.66 14.72
N ASP E 36 46.29 13.47 13.66
CA ASP E 36 47.04 14.76 13.66
C ASP E 36 46.09 15.92 13.93
N ASN E 37 46.29 16.67 15.02
CA ASN E 37 45.44 17.83 15.40
C ASN E 37 46.15 19.12 14.96
N THR E 38 47.17 19.00 14.11
CA THR E 38 47.96 20.16 13.64
C THR E 38 47.06 21.16 12.93
N ASN E 39 46.09 20.69 12.14
CA ASN E 39 45.19 21.57 11.34
C ASN E 39 43.76 21.51 11.87
N ILE E 40 43.55 21.07 13.12
CA ILE E 40 42.19 21.06 13.75
C ILE E 40 42.19 22.07 14.90
N ASP E 41 41.33 23.10 14.86
CA ASP E 41 41.24 24.15 15.91
C ASP E 41 39.78 24.32 16.33
N LEU E 42 39.43 24.00 17.57
CA LEU E 42 38.04 24.08 18.08
C LEU E 42 37.68 25.54 18.28
N THR E 43 38.68 26.41 18.36
CA THR E 43 38.47 27.87 18.54
C THR E 43 37.74 28.41 17.31
N CYS E 44 37.83 27.75 16.15
CA CYS E 44 37.18 28.17 14.88
C CYS E 44 35.75 27.64 14.79
N VAL E 45 35.25 26.94 15.81
CA VAL E 45 33.83 26.46 15.90
C VAL E 45 33.13 27.34 16.93
N PRO E 46 31.96 27.96 16.67
CA PRO E 46 31.29 28.76 17.68
C PRO E 46 30.81 27.96 18.90
N ASN E 47 31.11 28.42 20.12
CA ASN E 47 30.72 27.76 21.40
C ASN E 47 31.20 26.30 21.37
N GLY E 48 32.34 26.00 20.74
CA GLY E 48 32.82 24.63 20.52
C GLY E 48 33.13 23.84 21.76
N GLN E 49 33.78 24.41 22.75
CA GLN E 49 34.16 23.69 23.99
C GLN E 49 32.89 23.22 24.66
N GLU E 50 31.89 24.08 24.75
CA GLU E 50 30.61 23.75 25.42
C GLU E 50 29.91 22.66 24.61
N ILE E 51 29.99 22.72 23.28
CA ILE E 51 29.33 21.72 22.39
C ILE E 51 29.99 20.37 22.64
N ILE E 52 31.31 20.31 22.73
CA ILE E 52 32.06 19.03 22.90
C ILE E 52 31.79 18.49 24.31
N HIS E 53 31.77 19.34 25.32
CA HIS E 53 31.47 18.93 26.70
C HIS E 53 30.05 18.39 26.72
N SER E 54 29.13 19.08 26.08
CA SER E 54 27.72 18.67 26.02
C SER E 54 27.60 17.34 25.28
N LEU E 55 28.27 17.18 24.16
CA LEU E 55 28.15 15.97 23.34
C LEU E 55 28.68 14.79 24.16
N LEU E 56 29.80 14.94 24.85
CA LEU E 56 30.42 13.81 25.59
C LEU E 56 29.46 13.36 26.69
N GLN E 57 28.82 14.30 27.39
CA GLN E 57 27.86 13.97 28.46
C GLN E 57 26.69 13.23 27.83
N LEU E 58 26.17 13.73 26.72
CA LEU E 58 24.96 13.14 26.10
C LEU E 58 25.30 11.76 25.57
N VAL E 59 26.47 11.60 24.97
CA VAL E 59 26.87 10.31 24.34
C VAL E 59 26.95 9.27 25.45
N GLY E 60 27.50 9.63 26.59
CA GLY E 60 27.62 8.70 27.72
C GLY E 60 26.26 8.30 28.24
N ASP E 61 25.36 9.27 28.35
CA ASP E 61 24.00 9.01 28.88
C ASP E 61 23.34 8.01 27.93
N PHE E 62 23.52 8.18 26.62
CA PHE E 62 22.94 7.27 25.60
C PHE E 62 23.58 5.90 25.76
N ASN E 63 24.89 5.85 25.93
CA ASN E 63 25.61 4.56 25.98
C ASN E 63 25.12 3.78 27.21
N GLN E 64 24.97 4.44 28.35
CA GLN E 64 24.50 3.79 29.61
C GLN E 64 23.05 3.33 29.49
N ARG E 65 22.16 4.18 28.99
CA ARG E 65 20.71 3.87 28.86
C ARG E 65 20.49 2.80 27.79
N PHE E 66 21.20 2.88 26.67
CA PHE E 66 21.02 1.95 25.52
C PHE E 66 22.23 1.04 25.46
N SER E 67 22.77 0.65 26.62
CA SER E 67 23.90 -0.31 26.69
C SER E 67 23.45 -1.65 26.13
N GLU E 73 32.64 -6.86 20.20
CA GLU E 73 31.20 -6.73 19.84
C GLU E 73 30.94 -7.66 18.66
N PRO E 74 29.72 -8.21 18.50
CA PRO E 74 29.41 -9.01 17.33
C PRO E 74 29.38 -8.16 16.06
N VAL E 75 28.89 -6.92 16.15
CA VAL E 75 28.71 -6.05 14.95
C VAL E 75 30.05 -5.84 14.28
N ALA E 76 31.08 -5.52 15.04
CA ALA E 76 32.43 -5.25 14.49
C ALA E 76 33.06 -6.53 13.97
N GLN E 77 32.90 -7.64 14.68
CA GLN E 77 33.56 -8.90 14.29
C GLN E 77 33.05 -9.26 12.90
N SER E 78 31.78 -9.01 12.60
CA SER E 78 31.24 -9.20 11.23
C SER E 78 31.71 -8.05 10.34
N LEU E 79 31.91 -6.86 10.90
CA LEU E 79 32.29 -5.65 10.12
C LEU E 79 33.77 -5.61 9.71
N ASP E 84 44.12 -6.70 13.18
CA ASP E 84 45.10 -5.89 12.41
C ASP E 84 44.87 -6.17 10.94
N LYS E 85 43.91 -7.03 10.62
CA LYS E 85 43.59 -7.44 9.24
C LYS E 85 43.21 -6.21 8.43
N PRO E 86 43.61 -6.09 7.15
CA PRO E 86 43.34 -4.88 6.40
C PRO E 86 41.82 -4.62 6.38
N VAL E 87 41.41 -3.35 6.32
CA VAL E 87 39.97 -2.97 6.30
C VAL E 87 39.65 -2.44 4.90
N ASP E 88 38.49 -2.79 4.35
CA ASP E 88 38.03 -2.24 3.05
C ASP E 88 37.28 -0.95 3.40
N LYS E 89 37.92 0.19 3.20
CA LYS E 89 37.32 1.48 3.61
C LYS E 89 36.03 1.65 2.85
N THR E 90 35.99 1.20 1.59
CA THR E 90 34.79 1.32 0.75
C THR E 90 33.65 0.54 1.41
N ALA E 91 33.91 -0.66 1.92
CA ALA E 91 32.89 -1.51 2.56
C ALA E 91 32.44 -0.91 3.89
N LEU E 92 33.38 -0.40 4.69
CA LEU E 92 33.05 0.21 5.99
C LEU E 92 32.19 1.43 5.73
N GLU E 93 32.54 2.22 4.71
CA GLU E 93 31.80 3.46 4.36
C GLU E 93 30.38 3.08 3.98
N ILE E 94 30.22 2.03 3.18
CA ILE E 94 28.86 1.62 2.71
C ILE E 94 28.08 1.23 3.94
N PHE E 95 28.68 0.46 4.84
CA PHE E 95 27.99 -0.02 6.06
C PHE E 95 27.63 1.17 6.94
N TYR E 96 28.57 2.09 7.17
CA TYR E 96 28.38 3.22 8.11
C TYR E 96 27.25 4.09 7.59
N LEU E 97 27.25 4.38 6.31
CA LEU E 97 26.24 5.28 5.71
C LEU E 97 24.88 4.61 5.83
N GLU E 98 24.82 3.30 5.62
CA GLU E 98 23.53 2.56 5.67
C GLU E 98 22.97 2.65 7.09
N ILE E 99 23.85 2.54 8.08
CA ILE E 99 23.42 2.59 9.51
C ILE E 99 22.91 3.99 9.78
N LEU E 100 23.61 5.03 9.32
CA LEU E 100 23.21 6.44 9.57
C LEU E 100 21.90 6.73 8.87
N ASN E 101 21.71 6.24 7.66
CA ASN E 101 20.48 6.53 6.88
C ASN E 101 19.31 5.96 7.66
N GLY E 102 19.44 4.76 8.20
CA GLY E 102 18.39 4.17 9.05
C GLY E 102 18.18 4.99 10.29
N LEU E 103 19.26 5.50 10.89
CA LEU E 103 19.18 6.28 12.16
C LEU E 103 18.41 7.56 11.91
N PHE E 104 18.49 8.14 10.71
CA PHE E 104 17.90 9.47 10.41
C PHE E 104 16.61 9.36 9.63
N GLU E 105 15.93 8.22 9.71
CA GLU E 105 14.58 8.12 9.11
C GLU E 105 13.81 9.25 9.78
N LYS E 106 14.16 9.56 11.03
CA LYS E 106 13.60 10.73 11.78
C LYS E 106 14.79 11.62 12.09
N LEU E 107 14.66 12.95 12.00
CA LEU E 107 15.77 13.90 12.34
C LEU E 107 15.46 14.54 13.69
N ASN E 108 16.33 14.33 14.68
CA ASN E 108 16.20 14.94 16.02
C ASN E 108 17.61 14.95 16.62
N TRP E 109 17.81 15.58 17.76
CA TRP E 109 19.14 15.72 18.42
C TRP E 109 19.64 14.38 18.94
N GLY E 110 18.78 13.55 19.52
CA GLY E 110 19.20 12.27 20.11
C GLY E 110 19.83 11.38 19.08
N ARG E 111 19.26 11.34 17.89
CA ARG E 111 19.78 10.53 16.78
C ARG E 111 21.13 11.10 16.34
N ILE E 112 21.29 12.41 16.35
CA ILE E 112 22.56 13.06 15.98
C ILE E 112 23.60 12.63 17.01
N VAL E 113 23.24 12.58 18.30
CA VAL E 113 24.16 12.17 19.40
C VAL E 113 24.55 10.72 19.16
N ALA E 114 23.59 9.88 18.76
CA ALA E 114 23.82 8.45 18.52
C ALA E 114 24.82 8.29 17.38
N MET E 115 24.76 9.13 16.35
CA MET E 115 25.66 9.02 15.17
C MET E 115 27.08 9.19 15.68
N PHE E 116 27.30 10.14 16.58
CA PHE E 116 28.63 10.36 17.18
C PHE E 116 28.96 9.16 18.05
N ALA E 117 27.99 8.61 18.77
CA ALA E 117 28.20 7.46 19.69
C ALA E 117 28.68 6.28 18.88
N PHE E 118 28.10 6.03 17.72
CA PHE E 118 28.51 4.93 16.83
C PHE E 118 29.91 5.22 16.32
N LEU E 119 30.20 6.47 15.96
CA LEU E 119 31.53 6.87 15.43
C LEU E 119 32.58 6.62 16.51
N ARG E 120 32.26 6.90 17.77
CA ARG E 120 33.20 6.69 18.89
C ARG E 120 33.54 5.21 18.97
N ILE E 121 32.55 4.33 18.89
CA ILE E 121 32.78 2.88 19.04
C ILE E 121 33.64 2.42 17.87
N LEU E 122 33.30 2.83 16.66
CA LEU E 122 34.03 2.35 15.46
C LEU E 122 35.46 2.90 15.50
N VAL E 123 35.63 4.18 15.83
CA VAL E 123 36.97 4.84 15.81
C VAL E 123 37.84 4.24 16.91
N LEU E 124 37.30 4.09 18.11
CA LEU E 124 38.08 3.59 19.26
C LEU E 124 38.49 2.14 18.98
N ARG E 125 37.61 1.35 18.38
CA ARG E 125 37.94 -0.05 18.01
C ARG E 125 39.07 -0.04 17.00
N LEU E 126 39.03 0.83 16.00
CA LEU E 126 40.08 0.92 14.95
C LEU E 126 41.35 1.53 15.56
N SER E 127 41.25 2.24 16.67
CA SER E 127 42.40 2.90 17.34
C SER E 127 43.36 1.83 17.83
N LYS E 128 42.86 0.67 18.24
CA LYS E 128 43.70 -0.43 18.79
C LYS E 128 44.71 -0.82 17.72
N HIS E 129 44.30 -0.87 16.46
CA HIS E 129 45.22 -1.12 15.32
C HIS E 129 45.55 0.25 14.71
N GLY E 130 46.46 0.33 13.75
CA GLY E 130 46.83 1.59 13.09
C GLY E 130 45.96 1.87 11.87
N HIS E 131 44.64 1.88 12.02
CA HIS E 131 43.69 2.18 10.92
C HIS E 131 43.42 3.68 10.93
N SER E 132 44.47 4.49 10.87
CA SER E 132 44.35 5.97 10.89
C SER E 132 43.57 6.38 9.66
N ASP E 133 43.88 5.79 8.52
CA ASP E 133 43.25 6.17 7.24
C ASP E 133 41.75 5.89 7.31
N ALA E 134 41.34 4.74 7.85
CA ALA E 134 39.91 4.37 7.94
C ALA E 134 39.19 5.26 8.93
N ILE E 135 39.82 5.62 10.06
CA ILE E 135 39.22 6.56 11.04
C ILE E 135 39.03 7.90 10.34
N GLN E 136 40.03 8.34 9.57
CA GLN E 136 39.97 9.61 8.80
C GLN E 136 38.90 9.50 7.74
N MET E 137 38.73 8.33 7.11
CA MET E 137 37.67 8.09 6.11
C MET E 137 36.33 8.18 6.83
N LEU E 138 36.24 7.66 8.04
CA LEU E 138 34.98 7.67 8.81
C LEU E 138 34.60 9.10 9.18
N ILE E 139 35.56 9.95 9.57
CA ILE E 139 35.28 11.34 10.04
C ILE E 139 34.87 12.18 8.83
N LYS E 140 35.45 11.95 7.67
CA LYS E 140 35.10 12.67 6.42
C LYS E 140 33.67 12.32 6.05
N THR E 141 33.30 11.05 6.15
CA THR E 141 31.95 10.58 5.75
C THR E 141 30.92 11.24 6.65
N THR E 142 31.19 11.32 7.95
CA THR E 142 30.24 11.90 8.91
C THR E 142 30.03 13.35 8.51
N SER E 143 31.10 14.08 8.20
CA SER E 143 31.02 15.51 7.89
C SER E 143 30.20 15.76 6.62
N GLN E 144 30.46 15.02 5.55
CA GLN E 144 29.76 15.25 4.26
C GLN E 144 28.29 14.89 4.41
N TYR E 145 27.98 13.79 5.11
CA TYR E 145 26.59 13.34 5.31
C TYR E 145 25.90 14.43 6.10
N SER E 146 26.59 14.98 7.08
CA SER E 146 26.03 16.05 7.91
C SER E 146 25.80 17.30 7.06
N ASP E 147 26.72 17.61 6.15
CA ASP E 147 26.62 18.82 5.29
C ASP E 147 25.41 18.67 4.38
N GLU E 148 25.10 17.45 3.96
CA GLU E 148 23.97 17.19 3.05
C GLU E 148 22.68 16.91 3.80
N LYS E 149 22.60 15.90 4.65
CA LYS E 149 21.31 15.47 5.24
C LYS E 149 20.90 16.16 6.55
N LEU E 150 21.82 16.67 7.37
CA LEU E 150 21.47 17.20 8.73
C LEU E 150 21.65 18.71 8.91
N LYS E 151 22.32 19.42 8.00
CA LYS E 151 22.65 20.86 8.17
C LYS E 151 21.39 21.72 8.25
N ASN E 152 20.42 21.53 7.39
CA ASN E 152 19.24 22.41 7.34
C ASN E 152 18.54 22.30 8.69
N TRP E 153 18.43 21.10 9.24
CA TRP E 153 17.79 20.89 10.54
C TRP E 153 18.62 21.54 11.64
N ILE E 154 19.91 21.31 11.66
CA ILE E 154 20.80 21.81 12.74
C ILE E 154 20.79 23.34 12.74
N ASN E 155 20.83 23.98 11.58
CA ASN E 155 20.88 25.46 11.43
C ASN E 155 19.52 26.07 11.76
N LEU E 156 18.45 25.28 11.75
CA LEU E 156 17.10 25.74 12.15
C LEU E 156 16.90 25.39 13.62
N HIS E 157 17.92 24.87 14.30
CA HIS E 157 17.86 24.46 15.72
C HIS E 157 19.04 25.05 16.50
N ASP E 158 19.45 26.28 16.20
CA ASP E 158 20.50 27.01 16.96
C ASP E 158 21.88 26.46 16.64
N GLY E 159 22.01 25.69 15.56
CA GLY E 159 23.30 25.18 15.11
C GLY E 159 23.79 24.05 15.96
N TRP E 160 25.08 23.75 15.94
CA TRP E 160 25.69 22.74 16.82
C TRP E 160 25.56 23.22 18.25
N SER E 161 25.58 24.53 18.45
CA SER E 161 25.42 25.16 19.79
C SER E 161 24.07 24.79 20.37
N GLY E 162 23.20 24.12 19.62
CA GLY E 162 21.92 23.70 20.16
C GLY E 162 22.03 22.55 21.14
N LEU E 163 23.05 21.70 20.96
CA LEU E 163 23.35 20.66 21.94
C LEU E 163 23.50 21.19 23.37
N ILE E 164 23.94 22.41 23.55
CA ILE E 164 24.29 22.89 24.91
C ILE E 164 23.04 22.86 25.77
N GLU E 165 21.90 23.21 25.22
CA GLU E 165 20.66 23.31 26.01
C GLU E 165 20.01 21.95 26.15
N PHE E 166 20.50 20.92 25.47
CA PHE E 166 19.96 19.54 25.56
C PHE E 166 20.67 18.81 26.71
N SER E 167 21.62 19.46 27.37
CA SER E 167 22.38 18.89 28.49
C SER E 167 22.24 19.78 29.72
N GLY E 168 21.18 20.57 29.87
CA GLY E 168 21.13 21.54 30.98
C GLY E 168 22.40 22.32 30.78
N ARG E 169 23.42 22.19 31.64
CA ARG E 169 24.79 22.65 31.31
C ARG E 169 25.65 21.46 30.90
N THR F 4 13.53 -41.60 19.06
CA THR F 4 14.77 -40.96 19.55
C THR F 4 15.74 -40.75 18.40
N ALA F 5 16.22 -39.53 18.18
CA ALA F 5 17.12 -39.17 17.07
C ALA F 5 18.33 -38.45 17.65
N ASP F 6 19.36 -38.21 16.84
CA ASP F 6 20.56 -37.47 17.28
C ASP F 6 20.13 -36.10 17.76
N PHE F 7 20.92 -35.46 18.61
CA PHE F 7 20.60 -34.15 19.20
C PHE F 7 20.49 -33.12 18.09
N ARG F 8 21.34 -33.19 17.07
CA ARG F 8 21.36 -32.17 15.99
C ARG F 8 20.05 -32.23 15.19
N LEU F 9 19.59 -33.41 14.81
CA LEU F 9 18.32 -33.58 14.05
C LEU F 9 17.17 -33.16 14.95
N GLN F 10 17.25 -33.50 16.22
CA GLN F 10 16.22 -33.15 17.20
C GLN F 10 16.19 -31.63 17.33
N THR F 11 17.35 -30.97 17.35
CA THR F 11 17.44 -29.50 17.49
C THR F 11 16.87 -28.84 16.23
N SER F 12 17.17 -29.37 15.06
CA SER F 12 16.65 -28.86 13.77
C SER F 12 15.13 -28.97 13.70
N THR F 13 14.56 -30.09 14.11
CA THR F 13 13.10 -30.34 14.08
C THR F 13 12.42 -29.37 15.03
N LEU F 14 12.97 -29.20 16.21
CA LEU F 14 12.41 -28.26 17.21
C LEU F 14 12.51 -26.84 16.65
N CYS F 15 13.61 -26.52 15.97
CA CYS F 15 13.80 -25.18 15.39
C CYS F 15 12.74 -24.93 14.32
N HIS F 16 12.49 -25.86 13.42
CA HIS F 16 11.49 -25.72 12.33
C HIS F 16 10.09 -25.56 12.91
N SER F 17 9.70 -26.40 13.87
CA SER F 17 8.34 -26.39 14.44
C SER F 17 8.11 -25.08 15.19
N PHE F 18 9.08 -24.62 15.95
CA PHE F 18 8.97 -23.36 16.72
C PHE F 18 8.83 -22.19 15.76
N LEU F 19 9.63 -22.16 14.71
CA LEU F 19 9.64 -21.02 13.77
C LEU F 19 8.34 -20.98 12.98
N LEU F 20 7.86 -22.11 12.46
CA LEU F 20 6.61 -22.17 11.66
C LEU F 20 5.43 -21.88 12.57
N ALA F 21 5.45 -22.37 13.80
CA ALA F 21 4.39 -22.09 14.79
C ALA F 21 4.38 -20.60 15.11
N SER F 22 5.54 -19.97 15.21
CA SER F 22 5.69 -18.52 15.46
C SER F 22 5.15 -17.73 14.28
N ALA F 23 5.38 -18.19 13.06
CA ALA F 23 4.90 -17.55 11.83
C ALA F 23 3.38 -17.59 11.71
N ASN F 24 2.74 -18.69 12.10
CA ASN F 24 1.26 -18.85 12.06
C ASN F 24 0.64 -17.85 13.01
N LYS F 25 1.29 -17.52 14.10
CA LYS F 25 0.72 -16.60 15.11
C LYS F 25 0.85 -15.17 14.60
N GLN F 26 1.65 -14.93 13.57
CA GLN F 26 1.83 -13.58 12.98
C GLN F 26 0.66 -13.31 12.08
N ASP F 27 0.39 -12.04 11.80
CA ASP F 27 -0.76 -11.62 10.97
C ASP F 27 -0.52 -12.16 9.57
N THR F 28 0.73 -12.25 9.12
CA THR F 28 1.04 -12.87 7.81
C THR F 28 2.15 -13.91 7.98
N ASP F 29 1.98 -15.12 7.44
CA ASP F 29 3.01 -16.20 7.48
C ASP F 29 3.56 -16.37 6.07
N TYR F 30 4.86 -16.16 5.85
CA TYR F 30 5.52 -16.39 4.54
C TYR F 30 6.38 -17.64 4.61
N LEU F 31 6.74 -18.10 5.81
CA LEU F 31 7.66 -19.24 6.03
C LEU F 31 7.03 -20.55 5.57
N THR F 32 5.72 -20.70 5.73
CA THR F 32 5.07 -21.99 5.48
C THR F 32 5.34 -22.46 4.05
N ASP F 33 5.14 -21.60 3.05
CA ASP F 33 5.38 -21.95 1.62
C ASP F 33 6.87 -22.04 1.28
N LEU F 34 7.72 -21.14 1.79
CA LEU F 34 9.15 -21.10 1.40
C LEU F 34 9.93 -22.31 1.93
N LEU F 35 9.74 -22.73 3.18
CA LEU F 35 10.51 -23.84 3.79
C LEU F 35 9.88 -25.17 3.42
N ASP F 36 10.63 -26.28 3.52
CA ASP F 36 10.12 -27.64 3.23
C ASP F 36 9.87 -28.34 4.57
N ASN F 37 8.63 -28.67 4.90
CA ASN F 37 8.24 -29.38 6.15
C ASN F 37 8.00 -30.84 5.83
N THR F 38 8.35 -31.28 4.63
CA THR F 38 8.09 -32.66 4.17
C THR F 38 8.85 -33.66 5.02
N ASN F 39 10.09 -33.40 5.41
CA ASN F 39 10.93 -34.39 6.13
C ASN F 39 11.16 -34.00 7.60
N ILE F 40 10.38 -33.06 8.15
CA ILE F 40 10.52 -32.64 9.58
C ILE F 40 9.41 -33.33 10.37
N ASP F 41 9.75 -34.22 11.30
CA ASP F 41 8.74 -34.97 12.12
C ASP F 41 9.00 -34.70 13.60
N LEU F 42 8.08 -34.02 14.28
CA LEU F 42 8.19 -33.72 15.72
C LEU F 42 7.98 -35.03 16.47
N THR F 43 7.44 -36.04 15.81
CA THR F 43 7.22 -37.38 16.38
C THR F 43 8.56 -37.97 16.79
N CYS F 44 9.64 -37.66 16.08
CA CYS F 44 11.00 -38.21 16.35
C CYS F 44 11.73 -37.39 17.41
N VAL F 45 11.14 -36.35 18.01
CA VAL F 45 11.73 -35.60 19.15
C VAL F 45 10.99 -36.07 20.40
N PRO F 46 11.62 -36.72 21.40
CA PRO F 46 10.89 -37.08 22.59
C PRO F 46 10.24 -35.87 23.28
N ASN F 47 8.95 -35.92 23.56
CA ASN F 47 8.17 -34.83 24.21
C ASN F 47 8.22 -33.58 23.35
N GLY F 48 8.33 -33.72 22.03
CA GLY F 48 8.54 -32.59 21.11
C GLY F 48 7.44 -31.57 21.12
N GLN F 49 6.20 -31.99 21.19
CA GLN F 49 5.05 -31.06 21.16
C GLN F 49 5.08 -30.15 22.37
N GLU F 50 5.26 -30.71 23.55
CA GLU F 50 5.21 -29.92 24.80
C GLU F 50 6.45 -29.04 24.85
N ILE F 51 7.56 -29.49 24.31
CA ILE F 51 8.81 -28.69 24.26
C ILE F 51 8.49 -27.47 23.40
N ILE F 52 7.78 -27.63 22.29
CA ILE F 52 7.46 -26.52 21.35
C ILE F 52 6.50 -25.54 21.99
N HIS F 53 5.47 -26.03 22.67
CA HIS F 53 4.49 -25.16 23.36
C HIS F 53 5.20 -24.40 24.45
N SER F 54 6.07 -25.07 25.18
CA SER F 54 6.84 -24.46 26.28
C SER F 54 7.76 -23.39 25.72
N LEU F 55 8.46 -23.68 24.63
CA LEU F 55 9.39 -22.71 24.00
C LEU F 55 8.58 -21.52 23.53
N LEU F 56 7.42 -21.73 22.93
CA LEU F 56 6.57 -20.66 22.38
C LEU F 56 6.07 -19.77 23.51
N GLN F 57 5.69 -20.33 24.66
CA GLN F 57 5.24 -19.52 25.82
C GLN F 57 6.39 -18.73 26.42
N LEU F 58 7.54 -19.35 26.65
CA LEU F 58 8.71 -18.71 27.30
C LEU F 58 9.34 -17.66 26.38
N VAL F 59 9.45 -17.94 25.08
CA VAL F 59 10.03 -16.97 24.10
C VAL F 59 9.11 -15.74 24.07
N GLY F 60 7.80 -15.94 24.10
CA GLY F 60 6.84 -14.83 24.14
C GLY F 60 7.03 -14.02 25.39
N ASP F 61 7.29 -14.70 26.50
CA ASP F 61 7.57 -14.01 27.79
C ASP F 61 8.84 -13.17 27.60
N PHE F 62 9.81 -13.62 26.82
CA PHE F 62 11.04 -12.85 26.53
C PHE F 62 10.71 -11.62 25.71
N ASN F 63 9.90 -11.77 24.69
CA ASN F 63 9.63 -10.64 23.77
C ASN F 63 8.98 -9.53 24.58
N GLN F 64 8.11 -9.86 25.53
CA GLN F 64 7.46 -8.83 26.41
C GLN F 64 8.46 -8.22 27.38
N ARG F 65 9.31 -9.03 28.00
CA ARG F 65 10.27 -8.52 29.01
C ARG F 65 11.35 -7.68 28.34
N PHE F 66 11.84 -8.07 27.16
CA PHE F 66 12.97 -7.39 26.48
C PHE F 66 12.58 -6.98 25.06
N SER F 67 12.72 -5.71 24.68
CA SER F 67 12.39 -5.17 23.32
C SER F 67 13.67 -4.78 22.58
N GLU F 73 18.91 -3.04 15.20
CA GLU F 73 19.11 -3.80 13.95
C GLU F 73 20.35 -3.27 13.23
N PRO F 74 21.52 -3.18 13.88
CA PRO F 74 22.66 -2.58 13.21
C PRO F 74 23.02 -3.47 12.03
N VAL F 75 23.22 -4.75 12.28
CA VAL F 75 23.64 -5.57 11.11
C VAL F 75 22.35 -5.89 10.38
N ALA F 76 21.29 -6.00 11.17
CA ALA F 76 20.03 -6.42 10.54
C ALA F 76 19.82 -5.53 9.33
N GLN F 77 19.95 -4.23 9.54
CA GLN F 77 19.79 -3.29 8.41
C GLN F 77 20.94 -3.51 7.44
N SER F 78 22.16 -3.68 7.96
CA SER F 78 23.36 -3.77 7.10
C SER F 78 23.45 -5.02 6.24
N LEU F 79 23.19 -6.20 6.80
CA LEU F 79 23.43 -7.46 6.04
C LEU F 79 22.30 -7.71 5.04
N GLY F 80 21.13 -7.13 5.28
CA GLY F 80 20.06 -7.27 4.27
C GLY F 80 18.89 -8.15 4.67
N ILE F 81 18.64 -8.40 5.94
CA ILE F 81 17.56 -9.35 6.34
C ILE F 81 16.23 -8.79 5.81
N ASP F 82 16.00 -7.47 5.89
CA ASP F 82 14.73 -6.81 5.50
C ASP F 82 14.78 -6.26 4.08
N SER F 83 15.88 -6.43 3.37
CA SER F 83 16.05 -5.95 1.98
C SER F 83 15.51 -6.98 1.01
N ASP F 84 14.85 -6.56 -0.05
CA ASP F 84 14.40 -7.48 -1.10
C ASP F 84 15.65 -8.08 -1.74
N LYS F 85 16.76 -7.34 -1.75
CA LYS F 85 18.03 -7.78 -2.40
C LYS F 85 18.71 -8.91 -1.64
N PRO F 86 19.61 -9.69 -2.27
CA PRO F 86 20.25 -10.84 -1.64
C PRO F 86 21.05 -10.61 -0.37
N VAL F 87 21.11 -11.62 0.51
CA VAL F 87 21.81 -11.54 1.83
C VAL F 87 23.14 -12.27 1.76
N ASP F 88 24.15 -11.81 2.52
CA ASP F 88 25.46 -12.51 2.60
C ASP F 88 25.34 -13.54 3.71
N LYS F 89 25.17 -14.80 3.35
CA LYS F 89 24.99 -15.88 4.35
C LYS F 89 26.26 -15.98 5.18
N THR F 90 27.43 -15.78 4.57
CA THR F 90 28.73 -15.92 5.27
C THR F 90 28.78 -14.88 6.39
N ALA F 91 28.40 -13.64 6.12
CA ALA F 91 28.37 -12.56 7.12
C ALA F 91 27.31 -12.84 8.17
N LEU F 92 26.15 -13.37 7.76
CA LEU F 92 25.04 -13.68 8.68
C LEU F 92 25.48 -14.78 9.64
N GLU F 93 26.19 -15.79 9.14
CA GLU F 93 26.65 -16.92 9.97
C GLU F 93 27.60 -16.34 11.01
N ILE F 94 28.50 -15.47 10.61
CA ILE F 94 29.52 -14.90 11.53
C ILE F 94 28.79 -14.11 12.60
N PHE F 95 27.83 -13.27 12.24
CA PHE F 95 27.14 -12.37 13.21
C PHE F 95 26.34 -13.20 14.19
N TYR F 96 25.62 -14.23 13.73
CA TYR F 96 24.77 -15.08 14.59
C TYR F 96 25.65 -15.90 15.53
N LEU F 97 26.70 -16.51 15.02
CA LEU F 97 27.56 -17.35 15.85
C LEU F 97 28.20 -16.48 16.92
N GLU F 98 28.60 -15.25 16.55
CA GLU F 98 29.20 -14.28 17.50
C GLU F 98 28.13 -13.73 18.40
N ILE F 99 26.91 -13.69 17.91
CA ILE F 99 25.84 -13.25 18.82
C ILE F 99 25.70 -14.36 19.84
N LEU F 100 25.69 -15.61 19.40
CA LEU F 100 25.41 -16.77 20.29
C LEU F 100 26.55 -16.97 21.26
N ASN F 101 27.80 -16.73 20.87
CA ASN F 101 28.97 -17.01 21.74
C ASN F 101 29.01 -15.98 22.86
N GLY F 102 28.57 -14.76 22.63
CA GLY F 102 28.42 -13.75 23.70
C GLY F 102 27.25 -14.07 24.60
N LEU F 103 26.14 -14.54 24.04
CA LEU F 103 24.93 -14.91 24.80
C LEU F 103 25.24 -16.09 25.73
N PHE F 104 26.00 -17.07 25.26
CA PHE F 104 26.22 -18.31 26.02
C PHE F 104 27.52 -18.22 26.82
N GLU F 105 27.84 -17.05 27.33
CA GLU F 105 28.94 -16.93 28.29
C GLU F 105 28.42 -17.72 29.47
N LYS F 106 27.11 -17.64 29.74
CA LYS F 106 26.43 -18.39 30.84
C LYS F 106 25.40 -19.33 30.22
N LEU F 107 25.31 -20.58 30.69
CA LEU F 107 24.34 -21.59 30.17
C LEU F 107 23.26 -21.84 31.22
N ASN F 108 22.02 -21.49 30.93
CA ASN F 108 20.85 -21.76 31.78
C ASN F 108 19.72 -21.85 30.79
N TRP F 109 18.55 -22.32 31.20
CA TRP F 109 17.41 -22.48 30.26
C TRP F 109 17.02 -21.11 29.72
N GLY F 110 17.11 -20.07 30.54
CA GLY F 110 16.70 -18.71 30.12
C GLY F 110 17.50 -18.21 28.95
N ARG F 111 18.80 -18.41 28.94
CA ARG F 111 19.68 -17.94 27.85
C ARG F 111 19.32 -18.74 26.60
N ILE F 112 19.01 -20.02 26.75
CA ILE F 112 18.65 -20.91 25.61
C ILE F 112 17.35 -20.40 24.98
N VAL F 113 16.38 -19.96 25.78
CA VAL F 113 15.07 -19.45 25.29
C VAL F 113 15.37 -18.24 24.40
N ALA F 114 16.31 -17.40 24.81
CA ALA F 114 16.69 -16.17 24.07
C ALA F 114 17.33 -16.47 22.72
N MET F 115 18.14 -17.52 22.58
CA MET F 115 18.77 -17.90 21.30
C MET F 115 17.68 -18.16 20.30
N PHE F 116 16.64 -18.87 20.71
CA PHE F 116 15.48 -19.17 19.85
C PHE F 116 14.79 -17.86 19.54
N ALA F 117 14.63 -16.99 20.52
CA ALA F 117 13.94 -15.71 20.34
C ALA F 117 14.67 -14.90 19.27
N PHE F 118 15.99 -14.91 19.28
CA PHE F 118 16.80 -14.22 18.26
C PHE F 118 16.58 -14.89 16.90
N LEU F 119 16.59 -16.22 16.84
CA LEU F 119 16.48 -16.94 15.55
C LEU F 119 15.13 -16.57 14.97
N ARG F 120 14.10 -16.43 15.79
CA ARG F 120 12.74 -16.10 15.32
C ARG F 120 12.76 -14.76 14.62
N ILE F 121 13.38 -13.75 15.23
CA ILE F 121 13.34 -12.37 14.66
C ILE F 121 14.04 -12.41 13.33
N LEU F 122 15.18 -13.07 13.26
CA LEU F 122 15.99 -13.10 12.02
C LEU F 122 15.24 -13.85 10.94
N VAL F 123 14.68 -15.01 11.26
CA VAL F 123 14.01 -15.88 10.25
C VAL F 123 12.74 -15.22 9.75
N LEU F 124 11.92 -14.69 10.64
CA LEU F 124 10.61 -14.12 10.24
C LEU F 124 10.87 -12.89 9.40
N ARG F 125 11.83 -12.05 9.78
CA ARG F 125 12.19 -10.84 9.03
C ARG F 125 12.70 -11.27 7.67
N LEU F 126 13.53 -12.30 7.63
CA LEU F 126 14.08 -12.83 6.37
C LEU F 126 12.91 -13.38 5.55
N SER F 127 11.88 -13.94 6.19
CA SER F 127 10.75 -14.63 5.51
C SER F 127 9.98 -13.68 4.61
N LYS F 128 9.95 -12.37 4.90
CA LYS F 128 9.13 -11.42 4.14
C LYS F 128 9.57 -11.53 2.68
N HIS F 129 10.84 -11.86 2.44
CA HIS F 129 11.38 -12.10 1.07
C HIS F 129 11.72 -13.59 1.03
N GLY F 130 12.02 -14.15 -0.12
CA GLY F 130 12.24 -15.62 -0.22
C GLY F 130 13.65 -16.03 0.13
N HIS F 131 14.10 -15.72 1.35
CA HIS F 131 15.48 -16.07 1.82
C HIS F 131 15.45 -17.48 2.40
N SER F 132 15.26 -18.50 1.56
CA SER F 132 15.10 -19.91 2.02
C SER F 132 16.42 -20.52 2.43
N ASP F 133 17.50 -20.30 1.70
CA ASP F 133 18.84 -20.88 1.99
C ASP F 133 19.41 -20.24 3.25
N ALA F 134 19.27 -18.93 3.41
CA ALA F 134 19.78 -18.22 4.61
C ALA F 134 19.04 -18.70 5.86
N ILE F 135 17.71 -18.75 5.79
CA ILE F 135 16.87 -19.19 6.94
C ILE F 135 17.27 -20.61 7.29
N GLN F 136 17.43 -21.46 6.31
CA GLN F 136 17.76 -22.88 6.54
C GLN F 136 19.14 -23.01 7.14
N MET F 137 20.12 -22.25 6.66
CA MET F 137 21.50 -22.31 7.19
C MET F 137 21.55 -21.71 8.57
N LEU F 138 20.67 -20.79 8.90
CA LEU F 138 20.62 -20.17 10.24
C LEU F 138 20.13 -21.25 11.20
N ILE F 139 19.18 -22.12 10.83
CA ILE F 139 18.68 -23.27 11.64
C ILE F 139 19.80 -24.30 11.77
N LYS F 140 20.56 -24.57 10.71
CA LYS F 140 21.68 -25.54 10.71
C LYS F 140 22.76 -25.07 11.67
N THR F 141 23.08 -23.79 11.67
CA THR F 141 24.11 -23.20 12.56
C THR F 141 23.62 -23.35 14.00
N THR F 142 22.33 -23.17 14.25
CA THR F 142 21.74 -23.34 15.60
C THR F 142 21.94 -24.81 16.00
N SER F 143 21.68 -25.73 15.08
CA SER F 143 21.75 -27.17 15.36
C SER F 143 23.17 -27.60 15.71
N GLN F 144 24.17 -27.18 14.93
CA GLN F 144 25.58 -27.56 15.15
C GLN F 144 26.12 -26.89 16.41
N TYR F 145 25.80 -25.62 16.63
CA TYR F 145 26.28 -24.89 17.82
C TYR F 145 25.71 -25.58 19.04
N SER F 146 24.46 -26.02 18.97
CA SER F 146 23.79 -26.73 20.09
C SER F 146 24.46 -28.09 20.30
N ASP F 147 24.82 -28.80 19.24
CA ASP F 147 25.47 -30.13 19.32
C ASP F 147 26.87 -29.95 19.89
N GLU F 148 27.45 -28.77 19.75
CA GLU F 148 28.85 -28.50 20.18
C GLU F 148 28.95 -27.90 21.58
N LYS F 149 28.21 -26.83 21.88
CA LYS F 149 28.41 -26.08 23.14
C LYS F 149 27.27 -26.20 24.15
N LEU F 150 26.08 -26.62 23.76
CA LEU F 150 24.90 -26.67 24.66
C LEU F 150 24.41 -28.10 24.95
N LYS F 151 24.90 -29.13 24.26
CA LYS F 151 24.41 -30.52 24.39
C LYS F 151 24.63 -31.12 25.77
N ASN F 152 25.79 -30.96 26.40
CA ASN F 152 26.11 -31.60 27.70
C ASN F 152 25.25 -31.01 28.81
N TRP F 153 25.03 -29.71 28.82
CA TRP F 153 24.17 -29.05 29.84
C TRP F 153 22.73 -29.47 29.64
N ILE F 154 22.25 -29.54 28.40
CA ILE F 154 20.84 -29.89 28.11
C ILE F 154 20.63 -31.36 28.49
N ASN F 155 21.57 -32.25 28.21
CA ASN F 155 21.42 -33.70 28.47
C ASN F 155 21.60 -33.98 29.96
N LEU F 156 22.10 -33.03 30.74
CA LEU F 156 22.22 -33.14 32.22
C LEU F 156 21.08 -32.37 32.86
N HIS F 157 20.14 -31.84 32.07
CA HIS F 157 18.98 -31.05 32.55
C HIS F 157 17.68 -31.65 31.98
N ASP F 158 17.62 -32.97 31.83
CA ASP F 158 16.40 -33.73 31.41
C ASP F 158 16.19 -33.66 29.89
N GLY F 159 17.11 -33.06 29.15
CA GLY F 159 17.03 -32.98 27.69
C GLY F 159 16.31 -31.73 27.27
N TRP F 160 16.00 -31.61 25.99
CA TRP F 160 15.21 -30.48 25.48
C TRP F 160 13.91 -30.51 26.22
N SER F 161 13.58 -31.66 26.78
CA SER F 161 12.35 -31.88 27.55
C SER F 161 12.42 -31.16 28.89
N GLY F 162 13.54 -30.56 29.24
CA GLY F 162 13.72 -29.84 30.50
C GLY F 162 13.05 -28.49 30.48
N LEU F 163 12.82 -27.95 29.31
CA LEU F 163 12.07 -26.67 29.19
C LEU F 163 10.64 -26.87 29.69
N ILE F 164 10.06 -28.07 29.59
CA ILE F 164 8.63 -28.30 29.95
C ILE F 164 8.44 -28.00 31.43
N GLU F 165 9.32 -28.48 32.32
CA GLU F 165 9.25 -28.21 33.78
C GLU F 165 9.63 -26.77 34.05
N PHE F 166 10.57 -26.23 33.29
CA PHE F 166 11.03 -24.83 33.45
C PHE F 166 9.84 -23.91 33.19
N SER F 167 8.96 -24.26 32.26
CA SER F 167 7.79 -23.45 31.88
C SER F 167 6.69 -23.48 32.94
N GLY F 168 6.66 -24.45 33.85
CA GLY F 168 5.56 -24.57 34.82
C GLY F 168 4.50 -25.60 34.42
N ARG F 169 4.74 -26.39 33.38
CA ARG F 169 3.93 -27.58 33.00
C ARG F 169 4.44 -28.83 33.74
#